data_1D8E
#
_entry.id   1D8E
#
_cell.length_a   171.411
_cell.length_b   171.411
_cell.length_c   69.663
_cell.angle_alpha   90.00
_cell.angle_beta   90.00
_cell.angle_gamma   120.00
#
_symmetry.space_group_name_H-M   'P 61'
#
loop_
_entity.id
_entity.type
_entity.pdbx_description
1 polymer 'FARNESYLTRANSFERASE (ALPHA SUBUNIT)'
2 polymer 'FARNESYLTRANSFERASE (BETA SUBUNIT)'
3 polymer 'K-RAS4B PEPTIDE SUBSTRATE'
4 non-polymer 'ACETATE ION'
5 non-polymer '[(3,7,11-TRIMETHYL-DODECA-2,6,10-TRIENYLOXYCARBAMOYL)-METHYL]-PHOSPHONIC ACID'
6 water water
#
loop_
_entity_poly.entity_id
_entity_poly.type
_entity_poly.pdbx_seq_one_letter_code
_entity_poly.pdbx_strand_id
1 'polypeptide(L)'
;MAATEGVGESAPGGEPGQPEQPPPPPPPPPAQQPQEEEMAAEAGEAAASPMDDGFLSLDSPTYVLYRDRAEWADIDPVPQ
NDGPSPVVQIIYSEKFRDVYDYFRAVLQRDERSERAFKLTRDAIELNAANYTVWHFRRVLLRSLQKDLQEEMNYIIAIIE
EQPKNYQVWHHRRVLVEWLKDPSQELEFIADILNQDAKNYHAWQHRQWVIQEFRLWDNELQYVDQLLKEDVRNNSVWNQR
HFVISNTTGYSDRAVLEREVQYTLEMIKLVPHNESAWNYLKGILQDRGLSRYPNLLNQLLDLQPSHSSPYLIAFLVDIYE
DMLENQCDNKEDILNKALELCEILAKEKDTIRKEYWRYIGRSLQSKHSRESDIPASV
;
A
2 'polypeptide(L)'
;MASSSSFTYYCPPSSSPVWSEPLYSLRPEHARERLQDDSVETVTSIEQAKVEEKIQEVFSSYKFNHLVPRLVLQREKHFH
YLKRGLRQLTDAYECLDASRPWLCYWILHSLELLDEPIPQIVATDVCQFLELCQSPDGGFGGGPGQYPHLAPTYAAVNAL
CIIGTEEAYNVINREKLLQYLYSLKQPDGSFLMHVGGEVDVRSAYCAASVASLTNIITPDLFEGTAEWIARCQNWEGGIG
GVPGMEAHGGYTFCGLAALVILKKERSLNLKSLLQWVTSRQMRFEGGFQGRCNKLVDGCYSFWQAGLLPLLHRALHAQGD
PALSMSHWMFHQQALQEYILMCCQCPAGGLLDKPGKSRDFYHTCYCLSGLSIAQHFGSGAMLHDVVMGVPENVLQPTHPV
YNIGPDKVIQATTHFLQKPVPGFEECEDAVTSDPATD
;
B
3 'polypeptide(L)' KKKSKTKCVIM P
#
loop_
_chem_comp.id
_chem_comp.type
_chem_comp.name
_chem_comp.formula
ACT non-polymer 'ACETATE ION' 'C2 H3 O2 -1'
FII non-polymer '[(3,7,11-TRIMETHYL-DODECA-2,6,10-TRIENYLOXYCARBAMOYL)-METHYL]-PHOSPHONIC ACID' 'C17 H30 N O5 P'
#
# COMPACT_ATOMS: atom_id res chain seq x y z
N PHE A 55 35.36 -13.55 1.97
CA PHE A 55 36.42 -14.10 1.07
C PHE A 55 36.60 -13.25 -0.17
N LEU A 56 35.79 -13.46 -1.20
CA LEU A 56 35.96 -12.66 -2.39
C LEU A 56 34.74 -11.83 -2.72
N SER A 57 34.70 -10.63 -2.19
CA SER A 57 33.58 -9.72 -2.41
C SER A 57 33.14 -9.64 -3.87
N LEU A 58 31.84 -9.58 -4.05
CA LEU A 58 31.21 -9.51 -5.35
C LEU A 58 31.67 -8.23 -6.07
N ASP A 59 32.10 -7.23 -5.29
CA ASP A 59 32.56 -5.98 -5.86
C ASP A 59 34.07 -5.87 -5.91
N SER A 60 34.73 -6.95 -5.54
CA SER A 60 36.19 -7.01 -5.56
C SER A 60 36.69 -6.99 -7.01
N PRO A 61 37.74 -6.21 -7.29
CA PRO A 61 38.34 -6.09 -8.62
C PRO A 61 38.88 -7.41 -9.15
N THR A 62 39.27 -8.27 -8.22
CA THR A 62 39.81 -9.58 -8.56
C THR A 62 38.72 -10.64 -8.58
N TYR A 63 37.47 -10.21 -8.39
CA TYR A 63 36.38 -11.16 -8.39
C TYR A 63 36.39 -11.98 -9.69
N VAL A 64 36.15 -13.28 -9.54
CA VAL A 64 36.15 -14.23 -10.64
C VAL A 64 34.82 -15.02 -10.76
N LEU A 65 34.37 -15.26 -12.00
CA LEU A 65 33.14 -16.01 -12.19
C LEU A 65 33.29 -17.41 -11.63
N TYR A 66 32.18 -17.92 -11.12
CA TYR A 66 32.16 -19.27 -10.56
C TYR A 66 32.54 -20.31 -11.59
N ARG A 67 32.23 -20.05 -12.85
CA ARG A 67 32.60 -21.02 -13.88
C ARG A 67 34.11 -21.03 -14.06
N ASP A 68 34.76 -19.95 -13.62
CA ASP A 68 36.20 -19.85 -13.75
C ASP A 68 36.87 -20.16 -12.41
N ARG A 69 36.09 -20.71 -11.49
CA ARG A 69 36.60 -21.08 -10.18
C ARG A 69 36.86 -22.56 -10.15
N ALA A 70 38.11 -22.90 -9.84
CA ALA A 70 38.55 -24.28 -9.77
C ALA A 70 37.76 -25.08 -8.75
N GLU A 71 37.72 -24.58 -7.53
CA GLU A 71 37.02 -25.23 -6.43
C GLU A 71 35.54 -25.52 -6.71
N TRP A 72 35.06 -25.10 -7.87
CA TRP A 72 33.67 -25.34 -8.23
C TRP A 72 33.56 -26.16 -9.51
N ALA A 73 34.71 -26.62 -9.99
CA ALA A 73 34.77 -27.38 -11.25
C ALA A 73 33.91 -28.65 -11.31
N ASP A 74 33.69 -29.28 -10.16
CA ASP A 74 32.91 -30.50 -10.10
C ASP A 74 31.43 -30.34 -10.34
N ILE A 75 30.94 -29.11 -10.27
CA ILE A 75 29.53 -28.88 -10.44
C ILE A 75 29.15 -28.35 -11.78
N ASP A 76 28.04 -28.86 -12.30
CA ASP A 76 27.51 -28.38 -13.56
C ASP A 76 26.43 -27.37 -13.25
N PRO A 77 26.61 -26.13 -13.71
CA PRO A 77 25.67 -25.02 -13.49
C PRO A 77 24.28 -25.37 -14.03
N VAL A 78 23.23 -24.92 -13.35
CA VAL A 78 21.89 -25.16 -13.83
C VAL A 78 21.35 -23.87 -14.41
N PRO A 79 21.06 -23.88 -15.71
CA PRO A 79 20.54 -22.69 -16.41
C PRO A 79 19.12 -22.48 -16.00
N GLN A 80 18.65 -21.25 -16.15
CA GLN A 80 17.29 -20.97 -15.80
C GLN A 80 16.40 -21.52 -16.89
N ASN A 81 15.46 -22.33 -16.46
CA ASN A 81 14.50 -22.95 -17.34
C ASN A 81 13.39 -21.97 -17.71
N ASP A 82 13.65 -21.06 -18.64
CA ASP A 82 12.62 -20.09 -19.02
C ASP A 82 11.67 -20.58 -20.10
N GLY A 83 11.94 -21.76 -20.63
CA GLY A 83 11.07 -22.30 -21.65
C GLY A 83 11.51 -21.88 -23.02
N PRO A 84 10.87 -22.44 -24.05
CA PRO A 84 11.12 -22.19 -25.47
C PRO A 84 10.96 -20.75 -25.97
N SER A 85 9.87 -20.09 -25.60
CA SER A 85 9.64 -18.71 -26.04
C SER A 85 9.24 -17.84 -24.86
N PRO A 86 10.26 -17.39 -24.11
CA PRO A 86 10.21 -16.54 -22.93
C PRO A 86 9.30 -15.33 -22.96
N VAL A 87 8.94 -14.90 -21.76
CA VAL A 87 8.15 -13.69 -21.52
C VAL A 87 8.90 -13.02 -20.38
N VAL A 88 8.73 -11.71 -20.27
CA VAL A 88 9.40 -10.90 -19.25
C VAL A 88 10.80 -11.41 -19.00
N GLN A 89 11.49 -11.70 -20.08
CA GLN A 89 12.84 -12.20 -19.98
C GLN A 89 13.83 -11.13 -19.58
N ILE A 90 14.48 -11.34 -18.44
CA ILE A 90 15.46 -10.40 -18.00
C ILE A 90 16.75 -10.77 -18.68
N ILE A 91 17.46 -9.77 -19.17
CA ILE A 91 18.75 -10.00 -19.81
C ILE A 91 19.75 -9.72 -18.72
N TYR A 92 20.00 -10.76 -17.94
CA TYR A 92 20.90 -10.66 -16.81
C TYR A 92 22.33 -10.42 -17.22
N SER A 93 23.05 -9.74 -16.34
CA SER A 93 24.45 -9.46 -16.56
C SER A 93 25.14 -10.80 -16.39
N GLU A 94 26.38 -10.87 -16.85
CA GLU A 94 27.19 -12.07 -16.75
C GLU A 94 27.29 -12.57 -15.30
N LYS A 95 27.77 -11.68 -14.43
CA LYS A 95 27.93 -12.01 -13.03
C LYS A 95 26.67 -12.65 -12.49
N PHE A 96 25.55 -11.95 -12.67
CA PHE A 96 24.26 -12.40 -12.18
C PHE A 96 23.96 -13.81 -12.65
N ARG A 97 23.85 -13.99 -13.95
CA ARG A 97 23.53 -15.29 -14.52
C ARG A 97 24.42 -16.40 -14.00
N ASP A 98 25.70 -16.07 -13.88
CA ASP A 98 26.69 -17.00 -13.41
C ASP A 98 26.39 -17.47 -12.00
N VAL A 99 26.26 -16.53 -11.08
CA VAL A 99 25.99 -16.89 -9.71
C VAL A 99 24.72 -17.72 -9.55
N TYR A 100 23.61 -17.21 -10.06
CA TYR A 100 22.38 -17.95 -9.91
C TYR A 100 22.39 -19.28 -10.62
N ASP A 101 23.18 -19.39 -11.68
CA ASP A 101 23.26 -20.65 -12.39
C ASP A 101 23.85 -21.66 -11.43
N TYR A 102 24.82 -21.19 -10.67
CA TYR A 102 25.46 -22.06 -9.71
C TYR A 102 24.55 -22.25 -8.51
N PHE A 103 23.85 -21.21 -8.12
CA PHE A 103 22.97 -21.37 -6.99
C PHE A 103 21.95 -22.42 -7.37
N ARG A 104 21.35 -22.27 -8.54
CA ARG A 104 20.34 -23.22 -8.97
C ARG A 104 20.85 -24.64 -8.73
N ALA A 105 22.11 -24.86 -9.08
CA ALA A 105 22.70 -26.18 -8.90
C ALA A 105 22.67 -26.60 -7.45
N VAL A 106 23.40 -25.89 -6.60
CA VAL A 106 23.44 -26.27 -5.19
C VAL A 106 22.07 -26.47 -4.61
N LEU A 107 21.12 -25.65 -5.01
CA LEU A 107 19.77 -25.76 -4.50
C LEU A 107 19.19 -27.11 -4.91
N GLN A 108 19.31 -27.40 -6.20
CA GLN A 108 18.79 -28.64 -6.76
C GLN A 108 19.38 -29.83 -6.00
N ARG A 109 20.70 -29.84 -5.90
CA ARG A 109 21.43 -30.91 -5.21
C ARG A 109 21.23 -30.83 -3.72
N ASP A 110 20.66 -29.71 -3.28
CA ASP A 110 20.46 -29.49 -1.87
C ASP A 110 21.81 -29.66 -1.17
N GLU A 111 22.85 -29.15 -1.82
CA GLU A 111 24.18 -29.25 -1.25
C GLU A 111 24.30 -28.32 -0.05
N ARG A 112 24.31 -28.90 1.13
CA ARG A 112 24.42 -28.10 2.33
C ARG A 112 25.87 -27.93 2.73
N SER A 113 26.61 -27.16 1.92
CA SER A 113 28.03 -26.95 2.15
C SER A 113 28.47 -25.54 2.53
N GLU A 114 29.70 -25.44 3.00
CA GLU A 114 30.24 -24.15 3.35
C GLU A 114 30.27 -23.29 2.10
N ARG A 115 30.79 -23.86 1.02
CA ARG A 115 30.89 -23.11 -0.22
C ARG A 115 29.51 -22.64 -0.64
N ALA A 116 28.49 -23.45 -0.37
CA ALA A 116 27.14 -23.06 -0.71
C ALA A 116 26.81 -21.85 0.13
N PHE A 117 27.20 -21.91 1.39
CA PHE A 117 26.94 -20.81 2.28
C PHE A 117 27.53 -19.54 1.68
N LYS A 118 28.79 -19.60 1.32
CA LYS A 118 29.40 -18.43 0.75
C LYS A 118 28.71 -18.00 -0.52
N LEU A 119 28.20 -18.94 -1.28
CA LEU A 119 27.55 -18.61 -2.52
C LEU A 119 26.31 -17.76 -2.27
N THR A 120 25.54 -18.15 -1.27
CA THR A 120 24.32 -17.43 -0.98
C THR A 120 24.57 -15.96 -0.73
N ARG A 121 25.63 -15.65 0.03
CA ARG A 121 25.96 -14.27 0.32
C ARG A 121 25.99 -13.51 -0.99
N ASP A 122 26.56 -14.15 -2.00
CA ASP A 122 26.69 -13.53 -3.30
C ASP A 122 25.36 -13.35 -3.98
N ALA A 123 24.58 -14.41 -4.09
CA ALA A 123 23.26 -14.28 -4.73
C ALA A 123 22.49 -13.12 -4.09
N ILE A 124 22.56 -13.05 -2.77
CA ILE A 124 21.88 -12.03 -2.02
C ILE A 124 22.37 -10.70 -2.47
N GLU A 125 23.68 -10.53 -2.44
CA GLU A 125 24.27 -9.27 -2.82
C GLU A 125 23.75 -8.85 -4.19
N LEU A 126 23.47 -9.83 -5.03
CA LEU A 126 22.97 -9.57 -6.37
C LEU A 126 21.52 -9.16 -6.38
N ASN A 127 20.70 -9.89 -5.66
CA ASN A 127 19.29 -9.59 -5.58
C ASN A 127 18.84 -10.01 -4.20
N ALA A 128 18.99 -9.08 -3.27
CA ALA A 128 18.64 -9.32 -1.90
C ALA A 128 17.14 -9.59 -1.75
N ALA A 129 16.37 -9.42 -2.81
CA ALA A 129 14.94 -9.67 -2.73
C ALA A 129 14.61 -11.12 -2.98
N ASN A 130 15.63 -11.91 -3.30
CA ASN A 130 15.39 -13.30 -3.56
C ASN A 130 15.16 -14.12 -2.29
N TYR A 131 13.89 -14.24 -1.95
CA TYR A 131 13.51 -14.95 -0.76
C TYR A 131 13.99 -16.41 -0.78
N THR A 132 13.92 -17.08 -1.93
CA THR A 132 14.34 -18.48 -2.01
C THR A 132 15.76 -18.63 -1.53
N VAL A 133 16.60 -17.68 -1.91
CA VAL A 133 17.98 -17.71 -1.50
C VAL A 133 18.02 -17.56 0.00
N TRP A 134 17.36 -16.54 0.51
CA TRP A 134 17.34 -16.34 1.94
C TRP A 134 16.97 -17.60 2.70
N HIS A 135 15.88 -18.21 2.28
CA HIS A 135 15.47 -19.40 2.93
C HIS A 135 16.63 -20.38 2.97
N PHE A 136 17.09 -20.78 1.80
CA PHE A 136 18.17 -21.74 1.75
C PHE A 136 19.32 -21.36 2.68
N ARG A 137 19.57 -20.06 2.82
CA ARG A 137 20.65 -19.63 3.69
C ARG A 137 20.34 -19.95 5.13
N ARG A 138 19.08 -19.85 5.49
CA ARG A 138 18.74 -20.17 6.85
C ARG A 138 18.95 -21.65 7.05
N VAL A 139 18.55 -22.42 6.06
CA VAL A 139 18.72 -23.86 6.11
C VAL A 139 20.18 -24.18 6.39
N LEU A 140 21.06 -23.58 5.60
CA LEU A 140 22.49 -23.80 5.76
C LEU A 140 22.98 -23.34 7.11
N LEU A 141 22.46 -22.24 7.61
CA LEU A 141 22.91 -21.77 8.90
C LEU A 141 22.70 -22.87 9.93
N ARG A 142 21.53 -23.52 9.87
CA ARG A 142 21.20 -24.59 10.80
C ARG A 142 22.04 -25.83 10.55
N SER A 143 21.97 -26.32 9.33
CA SER A 143 22.71 -27.48 8.93
C SER A 143 24.20 -27.34 9.24
N LEU A 144 24.80 -26.25 8.80
CA LEU A 144 26.22 -26.02 9.01
C LEU A 144 26.57 -25.54 10.41
N GLN A 145 25.57 -25.44 11.28
CA GLN A 145 25.83 -24.98 12.64
C GLN A 145 26.66 -23.70 12.67
N LYS A 146 26.28 -22.73 11.85
CA LYS A 146 26.99 -21.46 11.75
C LYS A 146 26.77 -20.54 12.96
N ASP A 147 27.79 -19.73 13.27
CA ASP A 147 27.70 -18.81 14.41
C ASP A 147 26.68 -17.73 14.13
N LEU A 148 25.64 -17.71 14.93
CA LEU A 148 24.59 -16.74 14.72
C LEU A 148 24.98 -15.28 14.94
N GLN A 149 25.89 -15.01 15.85
CA GLN A 149 26.30 -13.62 16.07
C GLN A 149 27.06 -13.11 14.88
N GLU A 150 27.86 -13.99 14.30
CA GLU A 150 28.63 -13.63 13.14
C GLU A 150 27.60 -13.26 12.08
N GLU A 151 26.51 -14.04 12.04
CA GLU A 151 25.44 -13.81 11.08
C GLU A 151 24.73 -12.51 11.36
N MET A 152 24.58 -12.15 12.62
CA MET A 152 23.93 -10.89 12.98
C MET A 152 24.73 -9.80 12.34
N ASN A 153 26.04 -9.80 12.60
CA ASN A 153 26.93 -8.79 12.04
C ASN A 153 26.66 -8.64 10.58
N TYR A 154 26.58 -9.76 9.90
CA TYR A 154 26.32 -9.79 8.48
C TYR A 154 25.04 -9.06 8.12
N ILE A 155 23.93 -9.55 8.67
CA ILE A 155 22.65 -8.96 8.34
C ILE A 155 22.55 -7.50 8.70
N ILE A 156 23.13 -7.08 9.83
CA ILE A 156 23.01 -5.68 10.17
C ILE A 156 23.67 -4.85 9.07
N ALA A 157 24.77 -5.36 8.53
CA ALA A 157 25.47 -4.65 7.48
C ALA A 157 24.55 -4.53 6.26
N ILE A 158 23.99 -5.67 5.87
CA ILE A 158 23.09 -5.77 4.73
C ILE A 158 21.89 -4.87 4.84
N ILE A 159 21.29 -4.83 6.03
CA ILE A 159 20.13 -4.01 6.23
C ILE A 159 20.54 -2.57 6.01
N GLU A 160 21.65 -2.20 6.62
CA GLU A 160 22.17 -0.85 6.50
C GLU A 160 22.18 -0.40 5.07
N GLU A 161 22.56 -1.29 4.15
CA GLU A 161 22.60 -0.89 2.76
C GLU A 161 21.30 -0.95 1.98
N GLN A 162 20.43 -1.92 2.27
CA GLN A 162 19.16 -2.00 1.56
C GLN A 162 18.05 -2.11 2.58
N PRO A 163 17.92 -1.10 3.42
CA PRO A 163 16.88 -1.12 4.45
C PRO A 163 15.43 -1.16 4.02
N LYS A 164 15.13 -0.96 2.75
CA LYS A 164 13.74 -0.97 2.30
C LYS A 164 13.28 -2.30 1.71
N ASN A 165 13.75 -3.38 2.28
CA ASN A 165 13.47 -4.73 1.81
C ASN A 165 12.81 -5.64 2.86
N TYR A 166 11.87 -6.45 2.42
CA TYR A 166 11.18 -7.37 3.31
C TYR A 166 12.10 -8.43 3.89
N GLN A 167 12.71 -9.18 3.00
CA GLN A 167 13.58 -10.28 3.38
C GLN A 167 14.56 -10.02 4.51
N VAL A 168 15.38 -8.99 4.32
CA VAL A 168 16.38 -8.66 5.30
C VAL A 168 15.81 -8.59 6.71
N TRP A 169 14.72 -7.84 6.88
CA TRP A 169 14.14 -7.73 8.20
C TRP A 169 13.72 -9.08 8.74
N HIS A 170 12.92 -9.79 7.97
CA HIS A 170 12.45 -11.07 8.43
C HIS A 170 13.58 -11.98 8.84
N HIS A 171 14.72 -11.83 8.18
CA HIS A 171 15.87 -12.67 8.50
C HIS A 171 16.37 -12.31 9.89
N ARG A 172 16.56 -11.02 10.11
CA ARG A 172 17.03 -10.57 11.39
C ARG A 172 16.05 -10.99 12.47
N ARG A 173 14.77 -10.96 12.15
CA ARG A 173 13.76 -11.33 13.11
C ARG A 173 14.08 -12.76 13.54
N VAL A 174 14.11 -13.64 12.56
CA VAL A 174 14.38 -15.02 12.82
C VAL A 174 15.65 -15.20 13.64
N LEU A 175 16.72 -14.52 13.27
CA LEU A 175 17.95 -14.64 14.02
C LEU A 175 17.69 -14.36 15.49
N VAL A 176 17.11 -13.18 15.76
CA VAL A 176 16.84 -12.77 17.13
C VAL A 176 16.01 -13.80 17.83
N GLU A 177 15.09 -14.40 17.10
CA GLU A 177 14.25 -15.41 17.69
C GLU A 177 15.10 -16.59 18.11
N TRP A 178 15.90 -17.10 17.17
CA TRP A 178 16.77 -18.22 17.44
C TRP A 178 17.66 -17.95 18.65
N LEU A 179 18.32 -16.80 18.63
CA LEU A 179 19.20 -16.43 19.71
C LEU A 179 18.53 -16.00 21.00
N LYS A 180 17.24 -15.68 20.91
CA LYS A 180 16.50 -15.19 22.07
C LYS A 180 17.30 -14.04 22.73
N ASP A 181 17.92 -13.19 21.89
CA ASP A 181 18.70 -12.08 22.39
C ASP A 181 18.34 -10.78 21.68
N PRO A 182 17.67 -9.87 22.38
CA PRO A 182 17.28 -8.60 21.78
C PRO A 182 18.22 -7.45 22.06
N SER A 183 19.22 -7.71 22.89
CA SER A 183 20.17 -6.68 23.30
C SER A 183 20.61 -5.69 22.24
N GLN A 184 20.81 -6.16 21.01
CA GLN A 184 21.27 -5.28 19.95
C GLN A 184 20.20 -4.52 19.20
N GLU A 185 19.00 -5.07 19.22
CA GLU A 185 17.90 -4.51 18.47
C GLU A 185 17.65 -3.04 18.51
N LEU A 186 17.20 -2.56 19.65
CA LEU A 186 16.83 -1.17 19.78
C LEU A 186 17.85 -0.22 19.22
N GLU A 187 19.08 -0.31 19.73
CA GLU A 187 20.11 0.58 19.27
C GLU A 187 20.31 0.50 17.77
N PHE A 188 20.24 -0.73 17.25
CA PHE A 188 20.41 -0.94 15.83
C PHE A 188 19.33 -0.20 15.07
N ILE A 189 18.10 -0.54 15.42
CA ILE A 189 16.94 0.05 14.79
C ILE A 189 17.01 1.56 14.85
N ALA A 190 17.42 2.07 16.00
CA ALA A 190 17.56 3.52 16.14
C ALA A 190 18.43 4.02 15.01
N ASP A 191 19.61 3.43 14.86
CA ASP A 191 20.50 3.89 13.83
C ASP A 191 19.89 3.88 12.45
N ILE A 192 19.08 2.88 12.13
CA ILE A 192 18.44 2.84 10.82
C ILE A 192 17.49 4.01 10.72
N LEU A 193 16.69 4.17 11.76
CA LEU A 193 15.71 5.23 11.86
C LEU A 193 16.38 6.58 11.83
N ASN A 194 17.63 6.59 12.24
CA ASN A 194 18.36 7.84 12.25
C ASN A 194 18.66 8.24 10.80
N GLN A 195 18.53 7.30 9.88
CA GLN A 195 18.76 7.59 8.46
C GLN A 195 17.44 7.83 7.72
N ASP A 196 16.42 7.06 8.07
CA ASP A 196 15.09 7.24 7.50
C ASP A 196 14.15 7.08 8.67
N ALA A 197 13.79 8.21 9.27
CA ALA A 197 12.90 8.23 10.42
C ALA A 197 11.52 7.67 10.13
N LYS A 198 11.25 7.31 8.89
CA LYS A 198 9.93 6.76 8.60
C LYS A 198 9.97 5.34 8.04
N ASN A 199 11.10 4.66 8.20
CA ASN A 199 11.20 3.31 7.68
C ASN A 199 10.17 2.38 8.28
N TYR A 200 9.16 2.07 7.48
CA TYR A 200 8.09 1.20 7.91
C TYR A 200 8.56 -0.16 8.44
N HIS A 201 9.51 -0.79 7.75
CA HIS A 201 10.00 -2.11 8.18
C HIS A 201 10.66 -2.04 9.53
N ALA A 202 11.49 -1.03 9.70
CA ALA A 202 12.19 -0.83 10.95
C ALA A 202 11.21 -0.66 12.08
N TRP A 203 10.25 0.25 11.91
CA TRP A 203 9.26 0.49 12.94
C TRP A 203 8.55 -0.78 13.34
N GLN A 204 8.12 -1.53 12.35
CA GLN A 204 7.38 -2.76 12.57
C GLN A 204 8.22 -3.73 13.37
N HIS A 205 9.49 -3.82 13.00
CA HIS A 205 10.39 -4.71 13.68
C HIS A 205 10.46 -4.31 15.14
N ARG A 206 10.73 -3.02 15.36
CA ARG A 206 10.84 -2.42 16.69
C ARG A 206 9.61 -2.75 17.53
N GLN A 207 8.45 -2.64 16.92
CA GLN A 207 7.26 -2.96 17.66
C GLN A 207 7.32 -4.40 18.08
N TRP A 208 7.63 -5.28 17.14
CA TRP A 208 7.67 -6.69 17.45
C TRP A 208 8.63 -6.99 18.57
N VAL A 209 9.80 -6.37 18.50
CA VAL A 209 10.81 -6.57 19.50
C VAL A 209 10.32 -6.17 20.87
N ILE A 210 10.10 -4.87 21.03
CA ILE A 210 9.63 -4.31 22.29
C ILE A 210 8.55 -5.18 22.88
N GLN A 211 7.66 -5.63 22.03
CA GLN A 211 6.58 -6.45 22.49
C GLN A 211 7.05 -7.82 22.99
N GLU A 212 7.68 -8.61 22.13
CA GLU A 212 8.14 -9.96 22.53
C GLU A 212 9.11 -9.99 23.71
N PHE A 213 9.81 -8.90 23.91
CA PHE A 213 10.76 -8.84 24.98
C PHE A 213 10.40 -7.80 26.02
N ARG A 214 9.14 -7.37 26.00
CA ARG A 214 8.65 -6.40 26.97
C ARG A 214 9.68 -5.32 27.25
N LEU A 215 10.22 -4.71 26.21
CA LEU A 215 11.23 -3.68 26.38
C LEU A 215 10.63 -2.29 26.32
N TRP A 216 9.52 -2.11 27.01
CA TRP A 216 8.79 -0.84 27.02
C TRP A 216 9.47 0.33 27.74
N ASP A 217 10.11 0.04 28.86
CA ASP A 217 10.76 1.04 29.68
C ASP A 217 11.28 2.32 29.02
N ASN A 218 12.02 2.21 27.93
CA ASN A 218 12.53 3.42 27.33
C ASN A 218 11.96 3.94 26.03
N GLU A 219 10.91 3.32 25.54
CA GLU A 219 10.39 3.79 24.27
C GLU A 219 9.78 5.18 24.23
N LEU A 220 8.89 5.49 25.17
CA LEU A 220 8.26 6.81 25.19
C LEU A 220 9.33 7.89 25.18
N GLN A 221 10.39 7.64 25.92
CA GLN A 221 11.48 8.57 25.99
C GLN A 221 11.99 8.78 24.55
N TYR A 222 12.16 7.66 23.84
CA TYR A 222 12.61 7.69 22.46
C TYR A 222 11.65 8.49 21.62
N VAL A 223 10.38 8.11 21.71
CA VAL A 223 9.33 8.79 20.97
C VAL A 223 9.49 10.27 21.16
N ASP A 224 9.59 10.69 22.42
CA ASP A 224 9.74 12.10 22.71
C ASP A 224 10.88 12.72 21.93
N GLN A 225 12.03 12.05 21.93
CA GLN A 225 13.20 12.56 21.22
C GLN A 225 12.93 12.76 19.74
N LEU A 226 12.28 11.78 19.12
CA LEU A 226 12.01 11.87 17.70
C LEU A 226 11.02 12.97 17.38
N LEU A 227 9.99 13.10 18.20
CA LEU A 227 8.99 14.13 17.98
C LEU A 227 9.65 15.49 18.09
N LYS A 228 10.67 15.58 18.92
CA LYS A 228 11.37 16.85 19.07
C LYS A 228 12.04 17.16 17.72
N GLU A 229 12.73 16.16 17.19
CA GLU A 229 13.42 16.32 15.94
C GLU A 229 12.44 16.63 14.80
N ASP A 230 11.31 15.94 14.76
CA ASP A 230 10.32 16.18 13.72
C ASP A 230 8.95 15.78 14.22
N VAL A 231 8.26 16.76 14.77
CA VAL A 231 6.95 16.54 15.32
C VAL A 231 5.97 16.13 14.25
N ARG A 232 6.36 16.29 12.99
CA ARG A 232 5.49 15.91 11.88
C ARG A 232 5.65 14.44 11.52
N ASN A 233 6.46 13.70 12.28
CA ASN A 233 6.69 12.30 11.97
C ASN A 233 5.54 11.42 12.39
N ASN A 234 4.73 11.07 11.41
CA ASN A 234 3.59 10.25 11.69
C ASN A 234 3.92 8.89 12.32
N SER A 235 5.03 8.29 11.90
CA SER A 235 5.42 6.99 12.43
C SER A 235 5.62 7.08 13.94
N VAL A 236 6.20 8.19 14.37
CA VAL A 236 6.45 8.37 15.78
C VAL A 236 5.12 8.46 16.49
N TRP A 237 4.21 9.26 15.96
CA TRP A 237 2.89 9.38 16.59
C TRP A 237 2.27 7.98 16.72
N ASN A 238 2.41 7.16 15.70
CA ASN A 238 1.85 5.83 15.82
C ASN A 238 2.54 5.11 16.94
N GLN A 239 3.87 5.22 16.99
CA GLN A 239 4.63 4.54 18.02
C GLN A 239 4.15 4.96 19.39
N ARG A 240 4.06 6.27 19.63
CA ARG A 240 3.62 6.79 20.91
C ARG A 240 2.30 6.12 21.29
N HIS A 241 1.39 6.04 20.34
CA HIS A 241 0.13 5.41 20.65
C HIS A 241 0.34 3.93 20.93
N PHE A 242 1.31 3.34 20.25
CA PHE A 242 1.59 1.94 20.46
C PHE A 242 2.07 1.72 21.90
N VAL A 243 3.06 2.50 22.31
CA VAL A 243 3.60 2.39 23.67
C VAL A 243 2.52 2.54 24.73
N ILE A 244 1.90 3.71 24.75
CA ILE A 244 0.88 4.01 25.73
C ILE A 244 -0.19 2.94 25.83
N SER A 245 -0.75 2.56 24.69
CA SER A 245 -1.80 1.57 24.69
C SER A 245 -1.42 0.31 25.42
N ASN A 246 -0.18 -0.14 25.21
CA ASN A 246 0.26 -1.39 25.82
C ASN A 246 0.89 -1.28 27.20
N THR A 247 1.08 -0.06 27.68
CA THR A 247 1.65 0.07 29.00
C THR A 247 0.56 0.46 30.01
N THR A 248 0.26 1.75 30.06
CA THR A 248 -0.72 2.29 30.98
C THR A 248 -2.13 2.22 30.47
N GLY A 249 -2.26 2.31 29.15
CA GLY A 249 -3.58 2.31 28.58
C GLY A 249 -3.98 3.78 28.60
N TYR A 250 -5.08 4.09 27.91
CA TYR A 250 -5.57 5.46 27.85
C TYR A 250 -6.74 5.75 28.80
N SER A 251 -7.28 4.71 29.44
CA SER A 251 -8.38 4.88 30.37
C SER A 251 -7.92 5.64 31.61
N ASP A 252 -6.66 5.43 31.99
CA ASP A 252 -6.11 6.12 33.14
C ASP A 252 -6.21 7.63 32.86
N ARG A 253 -7.19 8.27 33.50
CA ARG A 253 -7.45 9.68 33.30
C ARG A 253 -6.27 10.63 33.38
N ALA A 254 -5.34 10.38 34.30
CA ALA A 254 -4.18 11.26 34.43
C ALA A 254 -3.37 11.24 33.14
N VAL A 255 -3.29 10.04 32.57
CA VAL A 255 -2.56 9.82 31.33
C VAL A 255 -3.30 10.50 30.19
N LEU A 256 -4.57 10.12 30.00
CA LEU A 256 -5.39 10.70 28.97
C LEU A 256 -5.17 12.20 28.93
N GLU A 257 -5.44 12.82 30.07
CA GLU A 257 -5.27 14.25 30.25
C GLU A 257 -3.91 14.69 29.74
N ARG A 258 -2.86 14.11 30.30
CA ARG A 258 -1.48 14.47 29.95
C ARG A 258 -1.28 14.48 28.45
N GLU A 259 -1.77 13.43 27.80
CA GLU A 259 -1.62 13.30 26.37
C GLU A 259 -2.26 14.45 25.66
N VAL A 260 -3.54 14.68 25.95
CA VAL A 260 -4.26 15.75 25.30
C VAL A 260 -3.56 17.08 25.49
N GLN A 261 -3.12 17.37 26.71
CA GLN A 261 -2.43 18.64 26.98
C GLN A 261 -1.31 18.78 25.97
N TYR A 262 -0.48 17.75 25.94
CA TYR A 262 0.67 17.68 25.06
C TYR A 262 0.27 17.84 23.60
N THR A 263 -0.75 17.12 23.17
CA THR A 263 -1.20 17.21 21.79
C THR A 263 -1.64 18.62 21.45
N LEU A 264 -2.46 19.21 22.30
CA LEU A 264 -2.93 20.57 22.06
C LEU A 264 -1.73 21.48 22.02
N GLU A 265 -0.83 21.29 22.98
CA GLU A 265 0.35 22.13 23.03
C GLU A 265 1.12 22.03 21.70
N MET A 266 1.13 20.84 21.11
CA MET A 266 1.82 20.65 19.85
C MET A 266 1.07 21.37 18.75
N ILE A 267 -0.25 21.21 18.74
CA ILE A 267 -1.06 21.85 17.74
C ILE A 267 -0.80 23.34 17.79
N LYS A 268 -0.80 23.90 19.00
CA LYS A 268 -0.57 25.33 19.17
C LYS A 268 0.71 25.75 18.46
N LEU A 269 1.78 25.00 18.69
CA LEU A 269 3.07 25.32 18.07
C LEU A 269 3.06 25.15 16.56
N VAL A 270 2.31 24.16 16.06
CA VAL A 270 2.22 23.89 14.62
C VAL A 270 0.81 23.42 14.30
N PRO A 271 -0.12 24.37 14.22
CA PRO A 271 -1.54 24.16 13.91
C PRO A 271 -1.81 23.41 12.63
N HIS A 272 -0.87 23.44 11.69
CA HIS A 272 -1.05 22.75 10.42
C HIS A 272 -0.47 21.35 10.31
N ASN A 273 0.09 20.84 11.41
CA ASN A 273 0.63 19.48 11.44
C ASN A 273 -0.54 18.50 11.58
N GLU A 274 -1.00 17.94 10.47
CA GLU A 274 -2.12 17.01 10.48
C GLU A 274 -1.93 15.80 11.41
N SER A 275 -0.69 15.43 11.71
CA SER A 275 -0.46 14.29 12.58
C SER A 275 -1.01 14.45 13.99
N ALA A 276 -0.66 15.56 14.66
CA ALA A 276 -1.14 15.81 16.02
C ALA A 276 -2.67 15.72 16.05
N TRP A 277 -3.31 16.41 15.12
CA TRP A 277 -4.76 16.40 15.06
C TRP A 277 -5.29 14.98 15.00
N ASN A 278 -4.75 14.18 14.09
CA ASN A 278 -5.19 12.81 13.92
C ASN A 278 -5.05 12.02 15.22
N TYR A 279 -3.97 12.26 15.93
CA TYR A 279 -3.72 11.56 17.20
C TYR A 279 -4.81 11.93 18.16
N LEU A 280 -4.89 13.23 18.41
CA LEU A 280 -5.88 13.79 19.30
C LEU A 280 -7.23 13.11 19.09
N LYS A 281 -7.68 13.17 17.85
CA LYS A 281 -8.94 12.57 17.50
C LYS A 281 -8.84 11.09 17.86
N GLY A 282 -7.74 10.48 17.43
CA GLY A 282 -7.53 9.07 17.68
C GLY A 282 -7.69 8.63 19.11
N ILE A 283 -7.23 9.44 20.04
CA ILE A 283 -7.31 9.07 21.44
C ILE A 283 -8.63 9.37 22.14
N LEU A 284 -9.46 10.23 21.56
CA LEU A 284 -10.71 10.57 22.23
C LEU A 284 -11.97 10.00 21.60
N GLN A 285 -11.94 9.78 20.29
CA GLN A 285 -13.10 9.31 19.54
C GLN A 285 -13.86 8.09 20.03
N ASP A 286 -13.14 7.04 20.40
CA ASP A 286 -13.81 5.83 20.86
C ASP A 286 -14.64 6.04 22.09
N ARG A 287 -14.15 6.85 23.03
CA ARG A 287 -14.89 7.12 24.25
C ARG A 287 -16.08 8.04 23.95
N GLY A 288 -15.95 8.83 22.88
CA GLY A 288 -17.01 9.73 22.46
C GLY A 288 -16.58 11.18 22.59
N LEU A 289 -16.50 11.91 21.49
CA LEU A 289 -16.08 13.33 21.53
C LEU A 289 -16.95 14.24 22.40
N SER A 290 -18.24 13.97 22.43
CA SER A 290 -19.18 14.76 23.23
C SER A 290 -18.85 14.59 24.71
N ARG A 291 -18.37 13.40 25.06
CA ARG A 291 -18.00 13.07 26.43
C ARG A 291 -17.04 14.09 27.06
N TYR A 292 -16.40 14.93 26.23
CA TYR A 292 -15.45 15.94 26.74
C TYR A 292 -15.85 17.33 26.26
N PRO A 293 -16.81 17.95 26.96
CA PRO A 293 -17.37 19.27 26.71
C PRO A 293 -16.40 20.43 26.58
N ASN A 294 -15.41 20.50 27.46
CA ASN A 294 -14.45 21.60 27.43
C ASN A 294 -13.66 21.67 26.15
N LEU A 295 -13.50 20.52 25.52
CA LEU A 295 -12.75 20.42 24.29
C LEU A 295 -13.25 21.42 23.27
N LEU A 296 -14.53 21.29 22.93
CA LEU A 296 -15.19 22.14 21.96
C LEU A 296 -14.84 23.60 22.17
N ASN A 297 -15.16 24.09 23.35
CA ASN A 297 -14.91 25.47 23.71
C ASN A 297 -13.45 25.77 23.44
N GLN A 298 -12.59 24.92 23.97
CA GLN A 298 -11.14 25.09 23.83
C GLN A 298 -10.68 25.14 22.38
N LEU A 299 -11.32 24.36 21.52
CA LEU A 299 -10.95 24.35 20.10
C LEU A 299 -11.36 25.66 19.47
N LEU A 300 -12.58 26.09 19.80
CA LEU A 300 -13.11 27.34 19.27
C LEU A 300 -12.15 28.49 19.58
N ASP A 301 -11.48 28.42 20.71
CA ASP A 301 -10.54 29.47 21.09
C ASP A 301 -9.35 29.62 20.15
N LEU A 302 -8.94 28.53 19.49
CA LEU A 302 -7.80 28.60 18.59
C LEU A 302 -8.12 29.16 17.21
N GLN A 303 -9.40 29.14 16.85
CA GLN A 303 -9.88 29.65 15.56
C GLN A 303 -9.18 30.90 15.07
N PRO A 304 -9.06 31.93 15.93
CA PRO A 304 -8.40 33.18 15.53
C PRO A 304 -7.02 32.99 14.94
N SER A 305 -6.03 32.97 15.82
CA SER A 305 -4.64 32.85 15.42
C SER A 305 -4.12 31.42 15.19
N HIS A 306 -5.02 30.43 15.21
CA HIS A 306 -4.60 29.04 15.02
C HIS A 306 -5.56 28.20 14.19
N SER A 307 -6.28 28.83 13.27
CA SER A 307 -7.22 28.09 12.44
C SER A 307 -6.55 27.19 11.38
N SER A 308 -7.34 26.25 10.85
CA SER A 308 -6.90 25.32 9.82
C SER A 308 -8.11 24.49 9.45
N PRO A 309 -8.08 23.86 8.26
CA PRO A 309 -9.23 23.02 7.85
C PRO A 309 -9.36 21.85 8.82
N TYR A 310 -8.24 21.54 9.47
CA TYR A 310 -8.16 20.45 10.43
C TYR A 310 -9.04 20.79 11.62
N LEU A 311 -8.84 22.00 12.15
CA LEU A 311 -9.62 22.51 13.29
C LEU A 311 -11.11 22.44 12.95
N ILE A 312 -11.46 23.07 11.84
CA ILE A 312 -12.84 23.12 11.37
C ILE A 312 -13.41 21.70 11.32
N ALA A 313 -12.64 20.80 10.72
CA ALA A 313 -13.05 19.42 10.54
C ALA A 313 -13.35 18.75 11.87
N PHE A 314 -12.42 18.93 12.80
CA PHE A 314 -12.55 18.35 14.12
C PHE A 314 -13.89 18.78 14.72
N LEU A 315 -14.16 20.08 14.62
CA LEU A 315 -15.40 20.65 15.15
C LEU A 315 -16.59 19.88 14.63
N VAL A 316 -16.59 19.59 13.34
CA VAL A 316 -17.69 18.86 12.76
C VAL A 316 -17.81 17.49 13.39
N ASP A 317 -16.66 16.91 13.71
CA ASP A 317 -16.65 15.59 14.32
C ASP A 317 -17.27 15.65 15.69
N ILE A 318 -16.97 16.73 16.41
CA ILE A 318 -17.52 16.94 17.74
C ILE A 318 -19.04 17.06 17.66
N TYR A 319 -19.50 18.00 16.84
CA TYR A 319 -20.93 18.24 16.64
C TYR A 319 -21.56 16.93 16.22
N GLU A 320 -20.87 16.21 15.35
CA GLU A 320 -21.33 14.93 14.84
C GLU A 320 -21.62 13.99 16.00
N ASP A 321 -20.66 13.87 16.92
CA ASP A 321 -20.84 12.98 18.05
C ASP A 321 -21.88 13.52 19.02
N MET A 322 -21.89 14.84 19.19
CA MET A 322 -22.86 15.44 20.09
C MET A 322 -24.27 15.11 19.64
N LEU A 323 -24.53 15.32 18.35
CA LEU A 323 -25.84 15.04 17.75
C LEU A 323 -26.17 13.55 17.81
N GLU A 324 -25.12 12.73 17.89
CA GLU A 324 -25.25 11.28 17.96
C GLU A 324 -25.78 10.90 19.36
N ASN A 325 -25.27 11.59 20.37
CA ASN A 325 -25.67 11.34 21.75
C ASN A 325 -26.71 12.34 22.24
N GLN A 326 -27.67 12.63 21.35
CA GLN A 326 -28.79 13.55 21.58
C GLN A 326 -28.53 14.66 22.60
N CYS A 327 -27.82 15.69 22.15
CA CYS A 327 -27.45 16.83 22.98
C CYS A 327 -28.49 17.95 23.01
N ASP A 328 -28.16 19.00 23.77
CA ASP A 328 -29.02 20.18 23.93
C ASP A 328 -28.89 21.06 22.68
N ASN A 329 -30.00 21.66 22.27
CA ASN A 329 -30.02 22.54 21.09
C ASN A 329 -29.79 21.75 19.81
N LYS A 330 -30.43 20.58 19.71
CA LYS A 330 -30.31 19.69 18.56
C LYS A 330 -30.06 20.43 17.26
N GLU A 331 -31.01 21.30 16.91
CA GLU A 331 -30.93 22.08 15.67
C GLU A 331 -29.77 23.06 15.57
N ASP A 332 -29.55 23.85 16.62
CA ASP A 332 -28.47 24.84 16.66
C ASP A 332 -27.12 24.22 16.26
N ILE A 333 -26.83 23.06 16.82
CA ILE A 333 -25.59 22.34 16.55
C ILE A 333 -25.60 21.93 15.07
N LEU A 334 -26.63 21.20 14.69
CA LEU A 334 -26.80 20.73 13.35
C LEU A 334 -26.41 21.79 12.31
N ASN A 335 -27.02 22.96 12.41
CA ASN A 335 -26.73 24.04 11.47
C ASN A 335 -25.29 24.48 11.51
N LYS A 336 -24.74 24.60 12.71
CA LYS A 336 -23.35 25.00 12.85
C LYS A 336 -22.51 24.01 12.05
N ALA A 337 -22.88 22.74 12.14
CA ALA A 337 -22.19 21.66 11.45
C ALA A 337 -22.26 21.76 9.93
N LEU A 338 -23.48 21.94 9.42
CA LEU A 338 -23.71 22.03 7.99
C LEU A 338 -22.99 23.25 7.42
N GLU A 339 -23.01 24.33 8.19
CA GLU A 339 -22.37 25.56 7.77
C GLU A 339 -20.90 25.22 7.50
N LEU A 340 -20.31 24.48 8.43
CA LEU A 340 -18.91 24.07 8.31
C LEU A 340 -18.69 23.14 7.13
N CYS A 341 -19.53 22.11 7.00
CA CYS A 341 -19.40 21.19 5.88
C CYS A 341 -19.30 21.99 4.61
N GLU A 342 -20.05 23.09 4.55
CA GLU A 342 -20.02 23.92 3.39
C GLU A 342 -18.74 24.73 3.25
N ILE A 343 -18.31 25.41 4.31
CA ILE A 343 -17.07 26.20 4.25
C ILE A 343 -15.90 25.34 3.78
N LEU A 344 -15.93 24.09 4.23
CA LEU A 344 -14.91 23.11 3.88
C LEU A 344 -15.04 22.73 2.41
N ALA A 345 -16.21 22.25 2.01
CA ALA A 345 -16.49 21.84 0.64
C ALA A 345 -16.29 22.93 -0.41
N LYS A 346 -16.61 24.16 -0.04
CA LYS A 346 -16.50 25.28 -0.98
C LYS A 346 -15.22 26.08 -0.90
N GLU A 347 -14.65 26.22 0.29
CA GLU A 347 -13.45 27.02 0.40
C GLU A 347 -12.24 26.39 1.08
N LYS A 348 -12.35 26.18 2.39
CA LYS A 348 -11.25 25.65 3.18
C LYS A 348 -10.70 24.25 2.90
N ASP A 349 -11.47 23.38 2.25
CA ASP A 349 -10.99 22.03 1.96
C ASP A 349 -11.73 21.40 0.78
N THR A 350 -11.61 22.05 -0.36
CA THR A 350 -12.27 21.62 -1.59
C THR A 350 -11.84 20.25 -2.14
N ILE A 351 -10.57 19.89 -1.96
CA ILE A 351 -10.07 18.61 -2.45
C ILE A 351 -10.95 17.45 -1.93
N ARG A 352 -11.52 17.66 -0.76
CA ARG A 352 -12.38 16.67 -0.12
C ARG A 352 -13.85 17.05 -0.20
N LYS A 353 -14.19 17.84 -1.21
CA LYS A 353 -15.58 18.28 -1.39
C LYS A 353 -16.60 17.13 -1.35
N GLU A 354 -16.33 16.04 -2.04
CA GLU A 354 -17.25 14.90 -2.07
C GLU A 354 -17.51 14.27 -0.71
N TYR A 355 -16.51 14.33 0.16
CA TYR A 355 -16.63 13.78 1.49
C TYR A 355 -17.48 14.71 2.32
N TRP A 356 -17.12 15.99 2.28
CA TRP A 356 -17.83 17.02 3.00
C TRP A 356 -19.30 17.12 2.66
N ARG A 357 -19.61 16.98 1.37
CA ARG A 357 -20.99 17.02 0.92
C ARG A 357 -21.74 15.84 1.54
N TYR A 358 -21.08 14.69 1.55
CA TYR A 358 -21.67 13.48 2.11
C TYR A 358 -21.94 13.62 3.60
N ILE A 359 -20.96 14.11 4.34
CA ILE A 359 -21.11 14.29 5.78
C ILE A 359 -22.34 15.15 6.06
N GLY A 360 -22.36 16.36 5.49
CA GLY A 360 -23.46 17.28 5.68
C GLY A 360 -24.78 16.63 5.30
N ARG A 361 -24.75 15.83 4.25
CA ARG A 361 -25.93 15.12 3.76
C ARG A 361 -26.37 14.04 4.76
N SER A 362 -25.38 13.41 5.40
CA SER A 362 -25.66 12.37 6.38
C SER A 362 -26.27 13.00 7.62
N LEU A 363 -25.64 14.08 8.09
CA LEU A 363 -26.09 14.83 9.27
C LEU A 363 -27.51 15.32 9.03
N GLN A 364 -27.76 15.80 7.83
CA GLN A 364 -29.08 16.27 7.47
C GLN A 364 -30.04 15.07 7.51
N SER A 365 -29.60 13.99 6.89
CA SER A 365 -30.38 12.75 6.80
C SER A 365 -30.88 12.18 8.11
N LYS A 366 -30.16 12.43 9.21
CA LYS A 366 -30.61 11.89 10.48
C LYS A 366 -30.75 12.85 11.66
N HIS A 367 -30.41 14.12 11.46
CA HIS A 367 -30.50 15.10 12.55
C HIS A 367 -31.27 16.41 12.32
N SER A 368 -32.00 16.53 11.20
CA SER A 368 -32.79 17.74 10.94
C SER A 368 -34.10 17.57 11.74
N ARG A 369 -34.73 18.66 12.17
CA ARG A 369 -35.95 18.56 12.96
C ARG A 369 -37.00 17.63 12.33
N GLU A 370 -36.92 17.49 11.00
CA GLU A 370 -37.84 16.67 10.22
C GLU A 370 -37.49 15.18 10.17
N SER A 371 -36.25 14.83 10.51
CA SER A 371 -35.77 13.44 10.47
C SER A 371 -36.62 12.39 11.22
N ASP A 372 -37.12 12.76 12.41
CA ASP A 372 -37.93 11.83 13.21
C ASP A 372 -39.44 12.06 12.99
N ILE A 373 -39.77 13.05 12.16
CA ILE A 373 -41.16 13.40 11.86
C ILE A 373 -41.73 12.54 10.73
N PRO A 374 -42.91 11.93 10.94
CA PRO A 374 -43.58 11.07 9.94
C PRO A 374 -43.92 11.83 8.65
N ALA A 375 -43.99 11.11 7.53
CA ALA A 375 -44.31 11.68 6.23
C ALA A 375 -45.63 12.50 6.18
N SER A 376 -46.65 12.09 6.96
CA SER A 376 -47.95 12.76 6.99
C SER A 376 -48.09 14.13 7.69
N VAL A 377 -47.20 14.44 8.64
CA VAL A 377 -47.21 15.70 9.40
C VAL A 377 -46.91 16.98 8.59
N PRO B 17 -17.28 31.11 -18.23
CA PRO B 17 -16.71 32.42 -18.66
C PRO B 17 -15.38 32.24 -19.40
N VAL B 18 -14.79 33.34 -19.87
CA VAL B 18 -13.52 33.32 -20.61
C VAL B 18 -12.26 33.18 -19.72
N TRP B 19 -12.22 33.95 -18.64
CA TRP B 19 -11.10 33.93 -17.70
C TRP B 19 -11.07 32.64 -16.85
N SER B 20 -12.16 31.87 -16.92
CA SER B 20 -12.31 30.63 -16.17
C SER B 20 -11.37 29.50 -16.59
N GLU B 21 -10.64 28.98 -15.60
CA GLU B 21 -9.69 27.89 -15.80
C GLU B 21 -10.40 26.54 -15.60
N PRO B 22 -10.53 25.70 -16.66
CA PRO B 22 -11.21 24.40 -16.50
C PRO B 22 -10.43 23.40 -15.64
N LEU B 23 -9.12 23.62 -15.54
CA LEU B 23 -8.25 22.74 -14.75
C LEU B 23 -8.09 23.20 -13.31
N TYR B 24 -8.63 22.37 -12.43
CA TYR B 24 -8.62 22.62 -10.99
C TYR B 24 -7.27 23.06 -10.41
N SER B 25 -6.21 22.38 -10.83
CA SER B 25 -4.85 22.65 -10.36
C SER B 25 -4.26 23.97 -10.83
N LEU B 26 -4.73 24.44 -11.98
CA LEU B 26 -4.21 25.68 -12.55
C LEU B 26 -4.93 26.92 -12.05
N ARG B 27 -6.14 26.74 -11.53
CA ARG B 27 -6.90 27.86 -11.01
C ARG B 27 -6.07 28.64 -10.00
N PRO B 28 -6.15 29.98 -10.04
CA PRO B 28 -5.40 30.86 -9.14
C PRO B 28 -5.62 30.54 -7.66
N GLU B 29 -6.85 30.19 -7.30
CA GLU B 29 -7.18 29.89 -5.91
C GLU B 29 -6.36 28.70 -5.44
N HIS B 30 -6.22 27.72 -6.33
CA HIS B 30 -5.49 26.50 -6.02
C HIS B 30 -4.15 26.78 -5.33
N ALA B 31 -3.49 27.88 -5.68
CA ALA B 31 -2.20 28.23 -5.09
C ALA B 31 -2.28 28.30 -3.56
N ARG B 32 -3.46 28.61 -3.04
CA ARG B 32 -3.63 28.69 -1.60
C ARG B 32 -3.49 27.32 -0.94
N GLU B 33 -3.52 26.27 -1.76
CA GLU B 33 -3.38 24.89 -1.28
C GLU B 33 -1.93 24.49 -1.00
N ARG B 34 -1.01 25.43 -1.16
CA ARG B 34 0.40 25.19 -0.88
C ARG B 34 0.55 25.03 0.63
N LEU B 35 1.55 24.27 1.03
CA LEU B 35 1.84 23.99 2.42
C LEU B 35 2.09 25.24 3.28
N GLN B 36 1.59 25.20 4.50
CA GLN B 36 1.79 26.28 5.46
C GLN B 36 2.58 25.61 6.58
N ASP B 37 3.88 25.81 6.57
CA ASP B 37 4.72 25.20 7.57
C ASP B 37 4.66 25.86 8.93
N ASP B 38 3.90 26.95 9.05
CA ASP B 38 3.80 27.67 10.32
C ASP B 38 5.20 28.11 10.77
N SER B 39 6.05 28.36 9.79
CA SER B 39 7.43 28.79 10.03
C SER B 39 8.21 27.83 10.90
N VAL B 40 7.74 26.60 10.95
CA VAL B 40 8.38 25.55 11.71
C VAL B 40 8.86 24.52 10.70
N GLU B 41 10.17 24.48 10.49
CA GLU B 41 10.72 23.55 9.52
C GLU B 41 11.22 22.24 10.11
N THR B 42 10.72 21.15 9.54
CA THR B 42 11.13 19.82 9.95
C THR B 42 11.40 19.12 8.65
N VAL B 43 12.09 17.99 8.69
CA VAL B 43 12.36 17.25 7.48
C VAL B 43 11.08 16.99 6.67
N THR B 44 10.00 16.61 7.36
CA THR B 44 8.73 16.32 6.69
C THR B 44 8.30 17.48 5.81
N SER B 45 8.26 18.68 6.39
CA SER B 45 7.83 19.86 5.66
C SER B 45 8.75 20.22 4.49
N ILE B 46 10.05 20.21 4.74
CA ILE B 46 11.00 20.54 3.71
C ILE B 46 10.75 19.67 2.49
N GLU B 47 10.70 18.35 2.71
CA GLU B 47 10.48 17.42 1.61
C GLU B 47 9.19 17.69 0.87
N GLN B 48 8.12 17.88 1.62
CA GLN B 48 6.84 18.18 1.02
C GLN B 48 6.98 19.44 0.18
N ALA B 49 7.67 20.42 0.75
CA ALA B 49 7.90 21.70 0.09
C ALA B 49 8.58 21.53 -1.26
N LYS B 50 9.67 20.76 -1.27
CA LYS B 50 10.42 20.50 -2.49
C LYS B 50 9.48 19.94 -3.55
N VAL B 51 8.67 18.98 -3.15
CA VAL B 51 7.73 18.35 -4.07
C VAL B 51 6.75 19.35 -4.59
N GLU B 52 6.15 20.12 -3.69
CA GLU B 52 5.18 21.11 -4.11
C GLU B 52 5.75 22.12 -5.12
N GLU B 53 6.98 22.57 -4.88
CA GLU B 53 7.62 23.53 -5.77
C GLU B 53 7.85 22.92 -7.14
N LYS B 54 8.26 21.65 -7.16
CA LYS B 54 8.50 20.93 -8.40
C LYS B 54 7.17 20.73 -9.14
N ILE B 55 6.13 20.36 -8.41
CA ILE B 55 4.80 20.16 -9.01
C ILE B 55 4.31 21.47 -9.57
N GLN B 56 4.60 22.55 -8.83
CA GLN B 56 4.18 23.86 -9.24
C GLN B 56 4.69 24.16 -10.63
N GLU B 57 5.98 23.89 -10.86
CA GLU B 57 6.59 24.11 -12.15
C GLU B 57 5.75 23.41 -13.21
N VAL B 58 5.45 22.13 -12.96
CA VAL B 58 4.66 21.35 -13.90
C VAL B 58 3.36 22.04 -14.25
N PHE B 59 2.62 22.46 -13.24
CA PHE B 59 1.35 23.14 -13.47
C PHE B 59 1.51 24.41 -14.28
N SER B 60 2.46 25.25 -13.86
CA SER B 60 2.72 26.51 -14.52
C SER B 60 3.45 26.44 -15.87
N SER B 61 3.92 25.26 -16.27
CA SER B 61 4.67 25.10 -17.52
C SER B 61 3.93 25.65 -18.75
N TYR B 62 2.60 25.44 -18.77
CA TYR B 62 1.75 25.90 -19.86
C TYR B 62 1.72 27.43 -19.92
N LYS B 63 1.58 28.02 -18.73
CA LYS B 63 1.55 29.47 -18.55
C LYS B 63 2.88 30.13 -19.02
N PHE B 64 4.01 29.63 -18.54
CA PHE B 64 5.32 30.20 -18.89
C PHE B 64 5.81 29.95 -20.32
N ASN B 65 5.26 28.92 -20.98
CA ASN B 65 5.61 28.61 -22.37
C ASN B 65 4.65 29.33 -23.33
N HIS B 66 3.53 29.81 -22.76
CA HIS B 66 2.49 30.53 -23.50
C HIS B 66 1.75 29.59 -24.43
N LEU B 67 1.21 28.51 -23.87
CA LEU B 67 0.50 27.50 -24.65
C LEU B 67 -0.74 27.09 -23.87
N VAL B 68 -1.80 26.73 -24.58
CA VAL B 68 -3.01 26.30 -23.89
C VAL B 68 -2.83 24.81 -23.57
N PRO B 69 -2.97 24.46 -22.29
CA PRO B 69 -2.82 23.07 -21.80
C PRO B 69 -3.78 22.04 -22.41
N ARG B 70 -3.20 20.95 -22.90
CA ARG B 70 -3.99 19.85 -23.46
C ARG B 70 -3.55 18.58 -22.73
N LEU B 71 -4.48 17.96 -22.00
CA LEU B 71 -4.18 16.75 -21.25
C LEU B 71 -4.34 15.51 -22.11
N VAL B 72 -3.19 14.96 -22.51
CA VAL B 72 -3.17 13.79 -23.37
C VAL B 72 -2.53 12.55 -22.77
N LEU B 73 -3.27 11.45 -22.79
CA LEU B 73 -2.73 10.20 -22.31
C LEU B 73 -1.98 9.59 -23.49
N GLN B 74 -0.65 9.55 -23.38
CA GLN B 74 0.20 9.02 -24.42
C GLN B 74 0.06 7.49 -24.61
N ARG B 75 -1.12 7.05 -25.02
CA ARG B 75 -1.39 5.64 -25.24
C ARG B 75 -0.36 4.92 -26.09
N GLU B 76 -0.11 5.46 -27.28
CA GLU B 76 0.85 4.90 -28.22
C GLU B 76 2.17 4.64 -27.51
N LYS B 77 2.68 5.67 -26.85
CA LYS B 77 3.95 5.61 -26.13
C LYS B 77 3.95 4.53 -25.07
N HIS B 78 2.87 4.48 -24.28
CA HIS B 78 2.76 3.49 -23.22
C HIS B 78 2.69 2.10 -23.80
N PHE B 79 1.90 1.95 -24.85
CA PHE B 79 1.75 0.66 -25.48
C PHE B 79 3.07 0.07 -25.90
N HIS B 80 3.91 0.89 -26.54
CA HIS B 80 5.20 0.43 -27.02
C HIS B 80 6.05 -0.06 -25.83
N TYR B 81 6.11 0.77 -24.80
CA TYR B 81 6.85 0.46 -23.57
C TYR B 81 6.41 -0.89 -22.99
N LEU B 82 5.10 -1.08 -22.94
CA LEU B 82 4.52 -2.31 -22.42
C LEU B 82 4.85 -3.45 -23.31
N LYS B 83 4.43 -3.31 -24.56
CA LYS B 83 4.61 -4.31 -25.61
C LYS B 83 5.97 -5.01 -25.52
N ARG B 84 7.03 -4.19 -25.45
CA ARG B 84 8.38 -4.71 -25.39
C ARG B 84 8.71 -5.39 -24.07
N GLY B 85 8.41 -4.69 -22.98
CA GLY B 85 8.68 -5.23 -21.67
C GLY B 85 8.09 -6.62 -21.49
N LEU B 86 6.93 -6.86 -22.06
CA LEU B 86 6.30 -8.15 -21.91
C LEU B 86 7.17 -9.28 -22.44
N ARG B 87 8.08 -8.94 -23.36
CA ARG B 87 8.94 -9.93 -23.94
C ARG B 87 10.31 -10.03 -23.32
N GLN B 88 10.98 -8.89 -23.19
CA GLN B 88 12.29 -8.94 -22.56
C GLN B 88 12.63 -7.67 -21.82
N LEU B 89 13.67 -7.74 -20.98
CA LEU B 89 14.09 -6.64 -20.12
C LEU B 89 15.60 -6.53 -20.00
N THR B 90 16.08 -5.33 -19.68
CA THR B 90 17.52 -5.10 -19.56
C THR B 90 18.09 -5.64 -18.25
N ASP B 91 19.40 -5.53 -18.08
CA ASP B 91 20.04 -6.00 -16.85
C ASP B 91 19.56 -5.16 -15.65
N ALA B 92 18.81 -4.10 -15.92
CA ALA B 92 18.32 -3.25 -14.86
C ALA B 92 17.21 -3.92 -14.06
N TYR B 93 16.43 -4.76 -14.74
CA TYR B 93 15.35 -5.47 -14.08
C TYR B 93 15.82 -6.75 -13.41
N GLU B 94 17.03 -6.70 -12.84
CA GLU B 94 17.61 -7.88 -12.18
C GLU B 94 17.01 -8.15 -10.83
N CYS B 95 16.90 -7.10 -10.03
CA CYS B 95 16.35 -7.21 -8.70
C CYS B 95 14.87 -7.53 -8.70
N LEU B 96 14.32 -7.71 -9.88
CA LEU B 96 12.94 -8.07 -9.99
C LEU B 96 12.93 -9.50 -10.46
N ASP B 97 14.04 -10.18 -10.25
CA ASP B 97 14.18 -11.57 -10.66
C ASP B 97 13.28 -12.55 -9.91
N ALA B 98 12.94 -12.21 -8.68
CA ALA B 98 12.11 -13.08 -7.89
C ALA B 98 10.66 -12.64 -7.98
N SER B 99 10.34 -11.76 -8.90
CA SER B 99 8.98 -11.25 -9.01
C SER B 99 8.47 -11.17 -10.44
N ARG B 100 8.86 -12.13 -11.26
CA ARG B 100 8.44 -12.07 -12.64
C ARG B 100 6.94 -12.09 -12.91
N PRO B 101 6.19 -12.91 -12.17
CA PRO B 101 4.74 -12.94 -12.38
C PRO B 101 4.16 -11.54 -12.23
N TRP B 102 4.71 -10.77 -11.32
CA TRP B 102 4.23 -9.42 -11.13
C TRP B 102 4.36 -8.65 -12.41
N LEU B 103 5.48 -8.85 -13.08
CA LEU B 103 5.72 -8.16 -14.34
C LEU B 103 4.67 -8.56 -15.33
N CYS B 104 4.42 -9.85 -15.44
CA CYS B 104 3.40 -10.29 -16.37
C CYS B 104 2.11 -9.55 -16.07
N TYR B 105 1.68 -9.58 -14.81
CA TYR B 105 0.45 -8.93 -14.41
C TYR B 105 0.48 -7.43 -14.66
N TRP B 106 1.43 -6.75 -14.05
CA TRP B 106 1.51 -5.31 -14.21
C TRP B 106 1.33 -4.93 -15.66
N ILE B 107 2.01 -5.64 -16.55
CA ILE B 107 1.92 -5.31 -17.96
C ILE B 107 0.58 -5.68 -18.57
N LEU B 108 0.21 -6.95 -18.49
CA LEU B 108 -1.05 -7.39 -19.04
C LEU B 108 -2.19 -6.49 -18.60
N HIS B 109 -2.29 -6.24 -17.30
CA HIS B 109 -3.36 -5.41 -16.79
C HIS B 109 -3.27 -4.05 -17.46
N SER B 110 -2.09 -3.46 -17.46
CA SER B 110 -1.92 -2.15 -18.06
C SER B 110 -2.49 -2.14 -19.48
N LEU B 111 -2.19 -3.17 -20.25
CA LEU B 111 -2.69 -3.25 -21.62
C LEU B 111 -4.21 -3.34 -21.64
N GLU B 112 -4.75 -4.22 -20.80
CA GLU B 112 -6.18 -4.43 -20.69
C GLU B 112 -6.87 -3.09 -20.45
N LEU B 113 -6.28 -2.27 -19.60
CA LEU B 113 -6.85 -0.95 -19.31
C LEU B 113 -6.83 -0.12 -20.58
N LEU B 114 -5.72 -0.20 -21.30
CA LEU B 114 -5.52 0.53 -22.56
C LEU B 114 -6.31 -0.10 -23.70
N ASP B 115 -7.00 -1.20 -23.39
CA ASP B 115 -7.81 -1.88 -24.37
C ASP B 115 -7.00 -2.41 -25.55
N GLU B 116 -5.83 -2.97 -25.28
CA GLU B 116 -5.00 -3.54 -26.34
C GLU B 116 -5.22 -5.05 -26.31
N PRO B 117 -5.51 -5.66 -27.46
CA PRO B 117 -5.75 -7.11 -27.54
C PRO B 117 -4.53 -7.97 -27.21
N ILE B 118 -4.79 -9.17 -26.72
CA ILE B 118 -3.72 -10.09 -26.37
C ILE B 118 -3.60 -11.22 -27.36
N PRO B 119 -2.55 -11.20 -28.19
CA PRO B 119 -2.30 -12.23 -29.20
C PRO B 119 -2.23 -13.60 -28.55
N GLN B 120 -2.82 -14.59 -29.21
CA GLN B 120 -2.83 -15.93 -28.66
C GLN B 120 -1.46 -16.55 -28.56
N ILE B 121 -0.49 -15.98 -29.27
CA ILE B 121 0.88 -16.45 -29.20
C ILE B 121 1.35 -16.03 -27.81
N VAL B 122 1.16 -14.76 -27.52
CA VAL B 122 1.55 -14.19 -26.25
C VAL B 122 0.93 -15.02 -25.15
N ALA B 123 -0.39 -15.01 -25.14
CA ALA B 123 -1.15 -15.72 -24.16
C ALA B 123 -0.53 -17.07 -23.83
N THR B 124 -0.50 -17.96 -24.82
CA THR B 124 0.03 -19.29 -24.58
C THR B 124 1.41 -19.30 -23.95
N ASP B 125 2.27 -18.39 -24.37
CA ASP B 125 3.61 -18.36 -23.82
C ASP B 125 3.58 -18.02 -22.35
N VAL B 126 2.78 -17.00 -22.03
CA VAL B 126 2.63 -16.54 -20.66
C VAL B 126 2.21 -17.73 -19.82
N CYS B 127 1.23 -18.45 -20.33
CA CYS B 127 0.73 -19.62 -19.65
C CYS B 127 1.86 -20.59 -19.38
N GLN B 128 2.51 -21.06 -20.43
CA GLN B 128 3.59 -22.02 -20.28
C GLN B 128 4.60 -21.53 -19.28
N PHE B 129 4.92 -20.26 -19.39
CA PHE B 129 5.88 -19.65 -18.49
C PHE B 129 5.44 -19.75 -17.04
N LEU B 130 4.23 -19.28 -16.77
CA LEU B 130 3.71 -19.30 -15.43
C LEU B 130 3.66 -20.73 -14.92
N GLU B 131 3.44 -21.67 -15.83
CA GLU B 131 3.39 -23.07 -15.47
C GLU B 131 4.73 -23.42 -14.89
N LEU B 132 5.77 -22.90 -15.54
CA LEU B 132 7.13 -23.13 -15.09
C LEU B 132 7.37 -22.52 -13.72
N CYS B 133 6.56 -21.53 -13.36
CA CYS B 133 6.69 -20.89 -12.07
C CYS B 133 5.84 -21.55 -11.01
N GLN B 134 4.96 -22.46 -11.44
CA GLN B 134 4.12 -23.14 -10.48
C GLN B 134 4.92 -24.19 -9.73
N SER B 135 4.85 -24.12 -8.41
CA SER B 135 5.56 -25.06 -7.56
C SER B 135 4.85 -26.41 -7.60
N PRO B 136 5.59 -27.51 -7.35
CA PRO B 136 4.97 -28.84 -7.35
C PRO B 136 4.03 -28.96 -6.16
N ASP B 137 4.22 -28.08 -5.18
CA ASP B 137 3.40 -28.10 -3.97
C ASP B 137 2.26 -27.08 -3.99
N GLY B 138 2.08 -26.40 -5.11
CA GLY B 138 1.00 -25.42 -5.22
C GLY B 138 1.49 -24.02 -4.98
N GLY B 139 0.89 -23.06 -5.68
CA GLY B 139 1.31 -21.68 -5.54
C GLY B 139 2.39 -21.35 -6.55
N PHE B 140 2.76 -20.08 -6.66
CA PHE B 140 3.76 -19.69 -7.62
C PHE B 140 4.96 -18.99 -7.02
N GLY B 141 6.12 -19.26 -7.60
CA GLY B 141 7.35 -18.62 -7.17
C GLY B 141 7.59 -17.43 -8.07
N GLY B 142 8.58 -16.61 -7.73
CA GLY B 142 8.87 -15.43 -8.54
C GLY B 142 9.65 -15.68 -9.81
N GLY B 143 9.90 -16.94 -10.09
CA GLY B 143 10.63 -17.34 -11.27
C GLY B 143 10.71 -18.86 -11.24
N PRO B 144 10.98 -19.52 -12.37
CA PRO B 144 11.07 -20.99 -12.45
C PRO B 144 12.02 -21.55 -11.42
N GLY B 145 11.55 -22.54 -10.67
CA GLY B 145 12.38 -23.17 -9.66
C GLY B 145 12.45 -22.42 -8.35
N GLN B 146 11.77 -21.29 -8.24
CA GLN B 146 11.79 -20.57 -6.98
C GLN B 146 10.67 -21.16 -6.12
N TYR B 147 10.78 -20.98 -4.81
CA TYR B 147 9.74 -21.50 -3.97
C TYR B 147 8.50 -20.66 -4.16
N PRO B 148 7.31 -21.26 -3.95
CA PRO B 148 6.03 -20.57 -4.11
C PRO B 148 5.91 -19.48 -3.05
N HIS B 149 5.31 -18.35 -3.41
CA HIS B 149 5.17 -17.20 -2.53
C HIS B 149 3.84 -16.56 -2.87
N LEU B 150 3.13 -16.14 -1.84
CA LEU B 150 1.83 -15.54 -2.04
C LEU B 150 1.74 -14.38 -3.04
N ALA B 151 2.68 -13.46 -2.98
CA ALA B 151 2.61 -12.32 -3.90
C ALA B 151 2.66 -12.77 -5.38
N PRO B 152 3.69 -13.55 -5.75
CA PRO B 152 3.77 -14.01 -7.14
C PRO B 152 2.53 -14.84 -7.47
N THR B 153 1.99 -15.53 -6.47
CA THR B 153 0.81 -16.36 -6.68
C THR B 153 -0.42 -15.52 -7.01
N TYR B 154 -0.59 -14.41 -6.30
CA TYR B 154 -1.70 -13.51 -6.54
C TYR B 154 -1.55 -12.99 -7.96
N ALA B 155 -0.34 -12.52 -8.26
CA ALA B 155 -0.01 -11.98 -9.56
C ALA B 155 -0.27 -12.99 -10.66
N ALA B 156 0.24 -14.20 -10.46
CA ALA B 156 0.10 -15.26 -11.45
C ALA B 156 -1.36 -15.44 -11.79
N VAL B 157 -2.17 -15.55 -10.75
CA VAL B 157 -3.58 -15.77 -10.97
C VAL B 157 -4.20 -14.63 -11.74
N ASN B 158 -4.12 -13.42 -11.18
CA ASN B 158 -4.70 -12.24 -11.84
C ASN B 158 -4.26 -12.18 -13.28
N ALA B 159 -3.00 -12.47 -13.51
CA ALA B 159 -2.49 -12.44 -14.85
C ALA B 159 -3.28 -13.46 -15.70
N LEU B 160 -3.20 -14.73 -15.31
CA LEU B 160 -3.88 -15.80 -16.03
C LEU B 160 -5.34 -15.46 -16.26
N CYS B 161 -5.93 -14.75 -15.32
CA CYS B 161 -7.31 -14.39 -15.46
C CYS B 161 -7.53 -13.36 -16.54
N ILE B 162 -6.64 -12.39 -16.61
CA ILE B 162 -6.80 -11.35 -17.62
C ILE B 162 -6.87 -12.04 -18.96
N ILE B 163 -6.12 -13.13 -19.11
CA ILE B 163 -6.13 -13.88 -20.34
C ILE B 163 -7.49 -14.53 -20.50
N GLY B 164 -7.85 -15.34 -19.52
CA GLY B 164 -9.15 -15.98 -19.54
C GLY B 164 -9.38 -17.14 -20.48
N THR B 165 -8.35 -17.63 -21.15
CA THR B 165 -8.58 -18.75 -22.04
C THR B 165 -8.66 -19.99 -21.17
N GLU B 166 -9.25 -21.03 -21.73
CA GLU B 166 -9.38 -22.30 -21.02
C GLU B 166 -7.97 -22.75 -20.64
N GLU B 167 -7.04 -22.54 -21.55
CA GLU B 167 -5.66 -22.91 -21.35
C GLU B 167 -5.14 -22.22 -20.08
N ALA B 168 -5.31 -20.90 -20.06
CA ALA B 168 -4.87 -20.07 -18.96
C ALA B 168 -5.39 -20.68 -17.67
N TYR B 169 -6.71 -20.83 -17.58
CA TYR B 169 -7.35 -21.40 -16.42
C TYR B 169 -6.81 -22.79 -16.00
N ASN B 170 -6.62 -23.66 -16.98
CA ASN B 170 -6.15 -25.01 -16.69
C ASN B 170 -4.75 -25.14 -16.14
N VAL B 171 -4.00 -24.04 -16.20
CA VAL B 171 -2.62 -23.99 -15.70
C VAL B 171 -2.63 -24.22 -14.20
N ILE B 172 -3.50 -23.49 -13.54
CA ILE B 172 -3.61 -23.56 -12.11
C ILE B 172 -3.97 -24.91 -11.54
N ASN B 173 -3.13 -25.42 -10.67
CA ASN B 173 -3.38 -26.67 -9.99
C ASN B 173 -4.10 -26.26 -8.70
N ARG B 174 -5.43 -26.25 -8.74
CA ARG B 174 -6.27 -25.84 -7.62
C ARG B 174 -6.09 -26.62 -6.33
N GLU B 175 -5.90 -27.92 -6.44
CA GLU B 175 -5.73 -28.77 -5.26
C GLU B 175 -4.50 -28.32 -4.50
N LYS B 176 -3.38 -28.35 -5.20
CA LYS B 176 -2.12 -27.99 -4.62
C LYS B 176 -2.21 -26.58 -4.08
N LEU B 177 -2.79 -25.70 -4.89
CA LEU B 177 -2.94 -24.31 -4.52
C LEU B 177 -3.57 -24.22 -3.13
N LEU B 178 -4.69 -24.92 -2.95
CA LEU B 178 -5.38 -24.90 -1.67
C LEU B 178 -4.45 -25.41 -0.58
N GLN B 179 -3.88 -26.60 -0.78
CA GLN B 179 -2.96 -27.18 0.19
C GLN B 179 -1.96 -26.12 0.64
N TYR B 180 -1.37 -25.49 -0.37
CA TYR B 180 -0.38 -24.43 -0.19
C TYR B 180 -0.92 -23.40 0.80
N LEU B 181 -2.07 -22.82 0.46
CA LEU B 181 -2.68 -21.82 1.31
C LEU B 181 -2.79 -22.29 2.76
N TYR B 182 -3.15 -23.56 2.93
CA TYR B 182 -3.31 -24.10 4.26
C TYR B 182 -1.97 -24.17 4.97
N SER B 183 -0.95 -24.62 4.26
CA SER B 183 0.37 -24.73 4.88
C SER B 183 0.89 -23.39 5.40
N LEU B 184 0.24 -22.30 5.00
CA LEU B 184 0.64 -20.96 5.43
C LEU B 184 -0.26 -20.34 6.49
N LYS B 185 -1.46 -20.89 6.66
CA LYS B 185 -2.43 -20.39 7.63
C LYS B 185 -1.91 -20.40 9.06
N GLN B 186 -2.14 -19.32 9.77
CA GLN B 186 -1.70 -19.20 11.15
C GLN B 186 -2.83 -19.33 12.15
N PRO B 187 -2.51 -19.77 13.38
CA PRO B 187 -3.53 -19.92 14.42
C PRO B 187 -4.27 -18.63 14.70
N ASP B 188 -3.58 -17.50 14.64
CA ASP B 188 -4.25 -16.24 14.92
C ASP B 188 -5.00 -15.69 13.71
N GLY B 189 -5.29 -16.55 12.74
CA GLY B 189 -6.03 -16.12 11.56
C GLY B 189 -5.20 -15.58 10.40
N SER B 190 -3.96 -15.16 10.67
CA SER B 190 -3.11 -14.61 9.62
C SER B 190 -2.46 -15.67 8.71
N PHE B 191 -1.64 -15.22 7.77
CA PHE B 191 -0.94 -16.11 6.86
C PHE B 191 0.50 -15.71 6.63
N LEU B 192 1.35 -16.69 6.41
CA LEU B 192 2.73 -16.39 6.10
C LEU B 192 2.72 -15.96 4.64
N MET B 193 3.75 -15.27 4.18
CA MET B 193 3.78 -14.87 2.77
C MET B 193 4.31 -16.06 1.96
N HIS B 194 4.97 -16.98 2.65
CA HIS B 194 5.55 -18.19 2.06
C HIS B 194 6.21 -18.94 3.22
N VAL B 195 6.54 -20.20 3.01
CA VAL B 195 7.15 -20.99 4.07
C VAL B 195 8.38 -20.26 4.60
N GLY B 196 8.41 -20.11 5.93
CA GLY B 196 9.51 -19.43 6.59
C GLY B 196 9.55 -17.96 6.31
N GLY B 197 8.49 -17.45 5.71
CA GLY B 197 8.44 -16.04 5.38
C GLY B 197 7.86 -15.22 6.50
N GLU B 198 7.50 -13.98 6.18
CA GLU B 198 6.93 -13.07 7.17
C GLU B 198 5.41 -13.03 7.04
N VAL B 199 4.79 -12.33 7.98
CA VAL B 199 3.34 -12.19 8.01
C VAL B 199 2.92 -10.74 8.10
N ASP B 200 1.87 -10.42 7.36
CA ASP B 200 1.27 -9.08 7.37
C ASP B 200 0.01 -9.21 6.54
N VAL B 201 -0.75 -8.13 6.48
CA VAL B 201 -2.03 -8.14 5.77
C VAL B 201 -2.03 -8.55 4.28
N ARG B 202 -0.92 -8.33 3.58
CA ARG B 202 -0.86 -8.73 2.18
C ARG B 202 -1.24 -10.22 2.02
N SER B 203 -0.68 -11.08 2.86
CA SER B 203 -0.95 -12.50 2.76
C SER B 203 -2.45 -12.78 2.72
N ALA B 204 -3.17 -12.14 3.63
CA ALA B 204 -4.61 -12.32 3.72
C ALA B 204 -5.27 -12.02 2.38
N TYR B 205 -4.98 -10.83 1.86
CA TYR B 205 -5.52 -10.41 0.57
C TYR B 205 -5.16 -11.37 -0.56
N CYS B 206 -3.89 -11.74 -0.65
CA CYS B 206 -3.47 -12.64 -1.72
C CYS B 206 -4.22 -13.96 -1.60
N ALA B 207 -4.25 -14.50 -0.41
CA ALA B 207 -4.89 -15.78 -0.16
C ALA B 207 -6.34 -15.70 -0.59
N ALA B 208 -6.99 -14.61 -0.20
CA ALA B 208 -8.38 -14.44 -0.54
C ALA B 208 -8.58 -14.28 -2.05
N SER B 209 -7.89 -13.30 -2.63
CA SER B 209 -8.03 -12.99 -4.04
C SER B 209 -7.99 -14.25 -4.86
N VAL B 210 -6.98 -15.07 -4.65
CA VAL B 210 -6.86 -16.29 -5.41
C VAL B 210 -7.88 -17.33 -5.03
N ALA B 211 -8.11 -17.47 -3.74
CA ALA B 211 -9.04 -18.48 -3.28
C ALA B 211 -10.44 -18.28 -3.82
N SER B 212 -10.88 -17.04 -3.84
CA SER B 212 -12.21 -16.72 -4.33
C SER B 212 -12.31 -16.95 -5.81
N LEU B 213 -11.38 -16.38 -6.56
CA LEU B 213 -11.40 -16.54 -8.01
C LEU B 213 -11.41 -18.00 -8.42
N THR B 214 -10.51 -18.78 -7.86
CA THR B 214 -10.44 -20.19 -8.21
C THR B 214 -11.49 -21.09 -7.59
N ASN B 215 -12.30 -20.54 -6.70
CA ASN B 215 -13.35 -21.33 -6.02
C ASN B 215 -12.74 -22.50 -5.23
N ILE B 216 -11.86 -22.18 -4.30
CA ILE B 216 -11.25 -23.20 -3.50
C ILE B 216 -11.46 -22.92 -2.02
N ILE B 217 -12.21 -21.86 -1.73
CA ILE B 217 -12.47 -21.46 -0.36
C ILE B 217 -13.26 -22.52 0.39
N THR B 218 -12.69 -23.02 1.46
CA THR B 218 -13.36 -24.01 2.28
C THR B 218 -13.94 -23.26 3.49
N PRO B 219 -14.76 -23.94 4.31
CA PRO B 219 -15.37 -23.31 5.50
C PRO B 219 -14.40 -22.73 6.53
N ASP B 220 -13.30 -23.44 6.75
CA ASP B 220 -12.32 -23.03 7.76
C ASP B 220 -11.09 -22.27 7.26
N LEU B 221 -10.94 -22.19 5.94
CA LEU B 221 -9.80 -21.54 5.35
C LEU B 221 -9.52 -20.20 5.96
N PHE B 222 -10.56 -19.39 6.09
CA PHE B 222 -10.36 -18.06 6.64
C PHE B 222 -10.83 -17.87 8.05
N GLU B 223 -10.75 -18.94 8.82
CA GLU B 223 -11.16 -18.91 10.21
C GLU B 223 -10.39 -17.88 10.98
N GLY B 224 -11.09 -16.87 11.46
CA GLY B 224 -10.47 -15.83 12.25
C GLY B 224 -9.67 -14.80 11.49
N THR B 225 -9.49 -15.03 10.20
CA THR B 225 -8.72 -14.13 9.39
C THR B 225 -9.27 -12.72 9.46
N ALA B 226 -10.59 -12.62 9.31
CA ALA B 226 -11.24 -11.33 9.34
C ALA B 226 -10.88 -10.56 10.59
N GLU B 227 -10.96 -11.26 11.72
CA GLU B 227 -10.69 -10.65 13.02
C GLU B 227 -9.27 -10.19 13.10
N TRP B 228 -8.38 -10.96 12.49
CA TRP B 228 -6.98 -10.61 12.48
C TRP B 228 -6.85 -9.30 11.73
N ILE B 229 -7.44 -9.29 10.53
CA ILE B 229 -7.42 -8.10 9.71
C ILE B 229 -7.96 -6.91 10.51
N ALA B 230 -9.12 -7.12 11.14
CA ALA B 230 -9.77 -6.10 11.95
C ALA B 230 -8.76 -5.46 12.91
N ARG B 231 -7.97 -6.31 13.57
CA ARG B 231 -6.98 -5.82 14.52
C ARG B 231 -5.92 -4.90 13.87
N CYS B 232 -5.80 -4.95 12.56
CA CYS B 232 -4.83 -4.11 11.90
C CYS B 232 -5.32 -2.68 11.75
N GLN B 233 -6.64 -2.48 11.81
CA GLN B 233 -7.16 -1.11 11.70
C GLN B 233 -6.66 -0.42 12.95
N ASN B 234 -6.13 0.78 12.82
CA ASN B 234 -5.62 1.45 13.99
C ASN B 234 -6.35 2.74 14.37
N TRP B 235 -5.74 3.48 15.28
CA TRP B 235 -6.27 4.74 15.75
C TRP B 235 -6.42 5.82 14.68
N GLU B 236 -5.66 5.71 13.60
CA GLU B 236 -5.77 6.70 12.51
C GLU B 236 -7.03 6.42 11.67
N GLY B 237 -7.59 5.23 11.81
CA GLY B 237 -8.75 4.90 11.02
C GLY B 237 -8.36 4.01 9.86
N GLY B 238 -7.10 4.12 9.42
CA GLY B 238 -6.61 3.29 8.32
C GLY B 238 -6.22 1.89 8.77
N ILE B 239 -5.31 1.24 8.05
CA ILE B 239 -4.86 -0.11 8.41
C ILE B 239 -3.36 -0.26 8.29
N GLY B 240 -2.76 -0.87 9.29
CA GLY B 240 -1.33 -1.09 9.25
C GLY B 240 -1.08 -2.47 8.68
N GLY B 241 0.19 -2.81 8.51
CA GLY B 241 0.53 -4.11 7.98
C GLY B 241 0.17 -5.24 8.92
N VAL B 242 0.42 -4.99 10.20
CA VAL B 242 0.16 -5.93 11.28
C VAL B 242 -0.30 -5.07 12.46
N PRO B 243 -1.11 -5.64 13.35
CA PRO B 243 -1.61 -4.94 14.52
C PRO B 243 -0.54 -4.04 15.12
N GLY B 244 -0.91 -2.78 15.35
CA GLY B 244 0.01 -1.84 15.96
C GLY B 244 0.79 -0.96 15.03
N MET B 245 0.86 -1.34 13.77
CA MET B 245 1.62 -0.53 12.83
C MET B 245 0.83 0.61 12.18
N GLU B 246 1.57 1.66 11.79
CA GLU B 246 1.01 2.85 11.14
C GLU B 246 0.10 2.47 9.97
N ALA B 247 -0.93 3.28 9.74
CA ALA B 247 -1.87 3.00 8.66
C ALA B 247 -1.19 3.33 7.34
N HIS B 248 -1.44 2.50 6.32
CA HIS B 248 -0.83 2.67 5.00
C HIS B 248 -1.73 2.19 3.89
N GLY B 249 -1.79 2.97 2.82
CA GLY B 249 -2.63 2.64 1.68
C GLY B 249 -2.57 1.21 1.19
N GLY B 250 -1.37 0.71 0.93
CA GLY B 250 -1.25 -0.65 0.44
C GLY B 250 -1.90 -1.65 1.36
N TYR B 251 -1.58 -1.55 2.65
CA TYR B 251 -2.11 -2.47 3.64
C TYR B 251 -3.60 -2.27 3.81
N THR B 252 -4.00 -1.01 3.86
CA THR B 252 -5.39 -0.63 3.99
C THR B 252 -6.18 -1.28 2.86
N PHE B 253 -5.71 -1.08 1.64
CA PHE B 253 -6.37 -1.69 0.49
C PHE B 253 -6.46 -3.20 0.70
N CYS B 254 -5.31 -3.84 0.94
CA CYS B 254 -5.26 -5.28 1.14
C CYS B 254 -6.29 -5.72 2.14
N GLY B 255 -6.37 -4.98 3.24
CA GLY B 255 -7.31 -5.32 4.29
C GLY B 255 -8.75 -5.23 3.87
N LEU B 256 -9.13 -4.04 3.40
CA LEU B 256 -10.51 -3.84 3.00
C LEU B 256 -10.89 -4.88 1.98
N ALA B 257 -10.13 -4.90 0.89
CA ALA B 257 -10.35 -5.82 -0.20
C ALA B 257 -10.59 -7.23 0.34
N ALA B 258 -9.62 -7.73 1.11
CA ALA B 258 -9.73 -9.06 1.67
C ALA B 258 -11.07 -9.18 2.38
N LEU B 259 -11.38 -8.20 3.22
CA LEU B 259 -12.64 -8.26 3.96
C LEU B 259 -13.86 -8.22 3.06
N VAL B 260 -13.76 -7.45 1.97
CA VAL B 260 -14.87 -7.34 1.04
C VAL B 260 -15.13 -8.71 0.44
N ILE B 261 -14.07 -9.45 0.16
CA ILE B 261 -14.22 -10.77 -0.40
C ILE B 261 -14.83 -11.67 0.65
N LEU B 262 -14.32 -11.53 1.87
CA LEU B 262 -14.81 -12.32 3.00
C LEU B 262 -16.20 -11.86 3.47
N LYS B 263 -16.68 -10.79 2.82
CA LYS B 263 -17.97 -10.20 3.12
C LYS B 263 -18.03 -9.86 4.59
N LYS B 264 -16.94 -9.33 5.14
CA LYS B 264 -16.90 -8.99 6.54
C LYS B 264 -16.47 -7.57 6.76
N GLU B 265 -16.73 -6.73 5.76
CA GLU B 265 -16.36 -5.31 5.85
C GLU B 265 -16.86 -4.70 7.14
N ARG B 266 -18.04 -5.16 7.56
CA ARG B 266 -18.66 -4.65 8.76
C ARG B 266 -17.75 -4.72 9.99
N SER B 267 -16.85 -5.71 10.01
CA SER B 267 -15.91 -5.87 11.12
C SER B 267 -15.02 -4.65 11.37
N LEU B 268 -15.10 -3.66 10.49
CA LEU B 268 -14.28 -2.47 10.65
C LEU B 268 -15.08 -1.26 10.86
N ASN B 269 -14.40 -0.26 11.41
CA ASN B 269 -14.99 1.04 11.64
C ASN B 269 -14.81 1.73 10.30
N LEU B 270 -15.78 1.48 9.44
CA LEU B 270 -15.77 2.02 8.11
C LEU B 270 -15.74 3.53 8.10
N LYS B 271 -16.31 4.14 9.13
CA LYS B 271 -16.32 5.60 9.23
C LYS B 271 -14.91 6.17 9.34
N SER B 272 -14.20 5.81 10.39
CA SER B 272 -12.86 6.33 10.58
C SER B 272 -12.03 5.97 9.36
N LEU B 273 -12.25 4.78 8.83
CA LEU B 273 -11.52 4.34 7.65
C LEU B 273 -11.70 5.35 6.53
N LEU B 274 -12.96 5.66 6.24
CA LEU B 274 -13.31 6.60 5.19
C LEU B 274 -12.63 7.93 5.40
N GLN B 275 -12.80 8.47 6.59
CA GLN B 275 -12.21 9.75 6.92
C GLN B 275 -10.71 9.71 6.71
N TRP B 276 -10.11 8.56 7.01
CA TRP B 276 -8.67 8.41 6.87
C TRP B 276 -8.22 8.46 5.44
N VAL B 277 -8.83 7.61 4.62
CA VAL B 277 -8.44 7.55 3.22
C VAL B 277 -8.59 8.88 2.50
N THR B 278 -9.75 9.50 2.67
CA THR B 278 -10.03 10.77 2.00
C THR B 278 -9.01 11.85 2.34
N SER B 279 -8.44 11.77 3.53
CA SER B 279 -7.44 12.76 3.97
C SER B 279 -6.09 12.52 3.32
N ARG B 280 -5.97 11.39 2.65
CA ARG B 280 -4.71 11.01 2.00
C ARG B 280 -4.48 11.71 0.65
N GLN B 281 -5.55 12.24 0.08
CA GLN B 281 -5.45 12.95 -1.17
C GLN B 281 -4.81 14.29 -0.86
N MET B 282 -3.68 14.56 -1.50
CA MET B 282 -2.93 15.79 -1.30
C MET B 282 -3.70 16.98 -1.85
N ARG B 283 -3.95 17.98 -1.01
CA ARG B 283 -4.70 19.16 -1.43
C ARG B 283 -4.07 19.88 -2.60
N PHE B 284 -2.77 20.14 -2.52
CA PHE B 284 -2.12 20.85 -3.60
C PHE B 284 -1.89 19.96 -4.81
N GLU B 285 -1.28 18.80 -4.57
CA GLU B 285 -0.93 17.85 -5.64
C GLU B 285 -2.06 17.08 -6.33
N GLY B 286 -3.19 16.89 -5.66
CA GLY B 286 -4.29 16.16 -6.28
C GLY B 286 -4.17 14.64 -6.19
N GLY B 287 -2.93 14.14 -6.19
CA GLY B 287 -2.70 12.71 -6.07
C GLY B 287 -2.76 12.35 -4.59
N PHE B 288 -2.57 11.07 -4.30
CA PHE B 288 -2.60 10.56 -2.93
C PHE B 288 -1.24 10.22 -2.31
N GLN B 289 -1.19 10.30 -0.97
CA GLN B 289 0.02 9.95 -0.22
C GLN B 289 -0.23 8.55 0.37
N GLY B 290 0.82 7.84 0.75
CA GLY B 290 0.62 6.51 1.30
C GLY B 290 0.20 6.54 2.76
N ARG B 291 0.75 7.49 3.50
CA ARG B 291 0.44 7.64 4.89
C ARG B 291 0.56 9.10 5.29
N CYS B 292 -0.23 9.49 6.28
CA CYS B 292 -0.26 10.86 6.74
C CYS B 292 1.14 11.40 6.92
N ASN B 293 1.31 12.65 6.49
CA ASN B 293 2.58 13.34 6.58
C ASN B 293 3.74 12.83 5.73
N LYS B 294 3.43 12.03 4.70
CA LYS B 294 4.46 11.55 3.79
C LYS B 294 4.17 12.10 2.38
N LEU B 295 5.06 11.83 1.44
CA LEU B 295 4.93 12.34 0.07
C LEU B 295 3.91 11.60 -0.80
N VAL B 296 3.41 12.32 -1.81
CA VAL B 296 2.44 11.80 -2.76
C VAL B 296 3.10 10.74 -3.65
N ASP B 297 2.29 9.91 -4.29
CA ASP B 297 2.84 8.88 -5.17
C ASP B 297 1.77 8.28 -6.10
N GLY B 298 2.13 8.22 -7.38
CA GLY B 298 1.24 7.67 -8.38
C GLY B 298 0.57 6.36 -8.05
N CYS B 299 1.32 5.37 -7.57
CA CYS B 299 0.72 4.07 -7.26
C CYS B 299 -0.50 4.18 -6.37
N TYR B 300 -0.45 5.11 -5.42
CA TYR B 300 -1.55 5.28 -4.49
C TYR B 300 -2.84 5.73 -5.13
N SER B 301 -2.74 6.20 -6.35
CA SER B 301 -3.91 6.60 -7.12
C SER B 301 -4.84 5.39 -7.10
N PHE B 302 -4.26 4.20 -7.00
CA PHE B 302 -5.08 3.03 -6.92
C PHE B 302 -5.16 2.59 -5.47
N TRP B 303 -4.03 2.23 -4.89
CA TRP B 303 -4.01 1.74 -3.51
C TRP B 303 -4.98 2.47 -2.59
N GLN B 304 -4.86 3.80 -2.55
CA GLN B 304 -5.73 4.62 -1.72
C GLN B 304 -7.12 4.81 -2.32
N ALA B 305 -7.22 5.60 -3.39
CA ALA B 305 -8.52 5.89 -4.04
C ALA B 305 -9.39 4.66 -4.38
N GLY B 306 -8.74 3.52 -4.60
CA GLY B 306 -9.46 2.31 -4.92
C GLY B 306 -10.37 1.92 -3.78
N LEU B 307 -10.04 2.41 -2.59
CA LEU B 307 -10.83 2.13 -1.41
C LEU B 307 -12.23 2.72 -1.53
N LEU B 308 -12.33 3.93 -2.07
CA LEU B 308 -13.61 4.61 -2.21
C LEU B 308 -14.68 3.75 -2.81
N PRO B 309 -14.38 3.11 -3.94
CA PRO B 309 -15.39 2.24 -4.55
C PRO B 309 -15.77 1.13 -3.57
N LEU B 310 -14.77 0.60 -2.88
CA LEU B 310 -14.99 -0.46 -1.91
C LEU B 310 -15.95 0.05 -0.84
N LEU B 311 -15.57 1.16 -0.23
CA LEU B 311 -16.38 1.77 0.81
C LEU B 311 -17.79 2.06 0.31
N HIS B 312 -17.86 2.63 -0.88
CA HIS B 312 -19.15 2.96 -1.43
C HIS B 312 -20.04 1.71 -1.43
N ARG B 313 -19.51 0.64 -1.98
CA ARG B 313 -20.22 -0.63 -2.05
C ARG B 313 -20.66 -1.11 -0.67
N ALA B 314 -19.75 -1.01 0.30
CA ALA B 314 -20.04 -1.45 1.65
C ALA B 314 -21.11 -0.61 2.33
N LEU B 315 -20.91 0.71 2.34
CA LEU B 315 -21.86 1.62 2.95
C LEU B 315 -23.23 1.44 2.31
N HIS B 316 -23.24 1.38 1.00
CA HIS B 316 -24.47 1.22 0.26
C HIS B 316 -25.19 -0.04 0.69
N ALA B 317 -24.43 -1.11 0.95
CA ALA B 317 -25.03 -2.37 1.38
C ALA B 317 -25.72 -2.17 2.73
N GLN B 318 -25.27 -1.15 3.48
CA GLN B 318 -25.87 -0.81 4.76
C GLN B 318 -27.02 0.18 4.55
N GLY B 319 -27.49 0.29 3.31
CA GLY B 319 -28.58 1.20 3.01
C GLY B 319 -28.23 2.65 3.29
N ASP B 320 -26.95 2.97 3.25
CA ASP B 320 -26.53 4.34 3.49
C ASP B 320 -27.23 5.21 2.46
N PRO B 321 -28.11 6.10 2.92
CA PRO B 321 -28.88 7.00 2.06
C PRO B 321 -28.14 8.26 1.59
N ALA B 322 -27.11 8.68 2.31
CA ALA B 322 -26.39 9.91 1.94
C ALA B 322 -25.38 9.77 0.80
N LEU B 323 -25.15 8.53 0.37
CA LEU B 323 -24.19 8.23 -0.71
C LEU B 323 -24.48 8.87 -2.06
N SER B 324 -23.47 9.50 -2.65
CA SER B 324 -23.61 10.13 -3.96
C SER B 324 -24.02 9.09 -5.00
N MET B 325 -24.58 9.56 -6.10
CA MET B 325 -25.02 8.67 -7.16
C MET B 325 -24.23 8.88 -8.43
N SER B 326 -23.22 9.74 -8.36
CA SER B 326 -22.41 10.06 -9.54
C SER B 326 -20.90 10.18 -9.33
N HIS B 327 -20.44 10.17 -8.08
CA HIS B 327 -19.02 10.31 -7.83
C HIS B 327 -18.51 9.45 -6.68
N TRP B 328 -17.19 9.30 -6.62
CA TRP B 328 -16.53 8.56 -5.54
C TRP B 328 -16.21 9.64 -4.51
N MET B 329 -15.92 9.28 -3.26
CA MET B 329 -15.64 10.32 -2.28
C MET B 329 -14.25 10.97 -2.30
N PHE B 330 -13.76 11.29 -3.49
CA PHE B 330 -12.48 11.95 -3.67
C PHE B 330 -12.56 12.79 -4.94
N HIS B 331 -11.70 13.79 -5.03
CA HIS B 331 -11.69 14.68 -6.20
C HIS B 331 -11.16 13.95 -7.46
N GLN B 332 -12.06 13.29 -8.17
CA GLN B 332 -11.71 12.55 -9.39
C GLN B 332 -10.97 13.40 -10.40
N GLN B 333 -11.46 14.62 -10.62
CA GLN B 333 -10.85 15.55 -11.55
C GLN B 333 -9.38 15.78 -11.18
N ALA B 334 -9.14 16.10 -9.92
CA ALA B 334 -7.79 16.38 -9.41
C ALA B 334 -6.85 15.19 -9.51
N LEU B 335 -7.34 13.98 -9.28
CA LEU B 335 -6.49 12.80 -9.39
C LEU B 335 -6.05 12.67 -10.84
N GLN B 336 -7.04 12.64 -11.73
CA GLN B 336 -6.82 12.53 -13.16
C GLN B 336 -5.84 13.57 -13.62
N GLU B 337 -6.00 14.80 -13.11
CA GLU B 337 -5.09 15.87 -13.50
C GLU B 337 -3.66 15.51 -13.11
N TYR B 338 -3.47 15.14 -11.84
CA TYR B 338 -2.13 14.77 -11.33
C TYR B 338 -1.46 13.73 -12.23
N ILE B 339 -2.19 12.63 -12.41
CA ILE B 339 -1.74 11.52 -13.20
C ILE B 339 -1.22 12.01 -14.52
N LEU B 340 -2.14 12.55 -15.30
CA LEU B 340 -1.85 13.05 -16.63
C LEU B 340 -0.70 14.03 -16.71
N MET B 341 -0.74 15.04 -15.85
CA MET B 341 0.29 16.06 -15.88
C MET B 341 1.68 15.74 -15.30
N CYS B 342 1.73 14.88 -14.29
CA CYS B 342 3.02 14.59 -13.63
C CYS B 342 3.53 13.14 -13.58
N CYS B 343 2.68 12.19 -13.93
CA CYS B 343 3.08 10.80 -13.83
C CYS B 343 3.33 10.10 -15.15
N GLN B 344 3.36 10.86 -16.24
CA GLN B 344 3.61 10.25 -17.55
C GLN B 344 5.01 10.49 -18.01
N CYS B 345 5.62 9.45 -18.51
CA CYS B 345 6.95 9.60 -19.05
C CYS B 345 6.72 9.86 -20.52
N PRO B 346 7.50 10.79 -21.10
CA PRO B 346 7.38 11.11 -22.52
C PRO B 346 7.64 9.87 -23.34
N ALA B 347 8.73 9.17 -23.03
CA ALA B 347 9.10 7.96 -23.75
C ALA B 347 8.13 6.79 -23.52
N GLY B 348 7.11 7.00 -22.69
CA GLY B 348 6.15 5.94 -22.41
C GLY B 348 6.23 5.56 -20.94
N GLY B 349 5.24 4.79 -20.48
CA GLY B 349 5.23 4.41 -19.09
C GLY B 349 4.85 5.54 -18.17
N LEU B 350 4.45 5.16 -16.95
CA LEU B 350 4.04 6.10 -15.92
C LEU B 350 4.96 6.05 -14.72
N LEU B 351 4.79 7.01 -13.82
CA LEU B 351 5.63 7.10 -12.64
C LEU B 351 5.04 7.62 -11.33
N ASP B 352 5.89 7.60 -10.31
CA ASP B 352 5.59 8.06 -8.96
C ASP B 352 5.24 9.54 -9.05
N LYS B 353 6.23 10.34 -9.39
CA LYS B 353 6.08 11.79 -9.48
C LYS B 353 7.21 12.35 -10.35
N PRO B 354 7.15 13.65 -10.70
CA PRO B 354 8.16 14.34 -11.52
C PRO B 354 9.53 14.24 -10.90
N GLY B 355 10.50 13.76 -11.69
CA GLY B 355 11.83 13.61 -11.18
C GLY B 355 12.12 12.14 -10.95
N LYS B 356 11.08 11.32 -10.92
CA LYS B 356 11.25 9.88 -10.72
C LYS B 356 11.16 9.16 -12.07
N SER B 357 11.80 8.00 -12.18
CA SER B 357 11.78 7.23 -13.42
C SER B 357 10.59 6.26 -13.53
N ARG B 358 10.18 5.99 -14.75
CA ARG B 358 9.05 5.09 -15.03
C ARG B 358 9.40 3.65 -14.68
N ASP B 359 8.36 2.85 -14.46
CA ASP B 359 8.54 1.43 -14.16
C ASP B 359 7.17 0.81 -14.25
N PHE B 360 7.14 -0.45 -14.58
CA PHE B 360 5.88 -1.12 -14.76
C PHE B 360 4.95 -1.11 -13.60
N TYR B 361 5.51 -1.12 -12.41
CA TYR B 361 4.66 -1.11 -11.23
C TYR B 361 3.78 0.14 -11.25
N HIS B 362 4.42 1.30 -11.40
CA HIS B 362 3.70 2.56 -11.42
C HIS B 362 2.83 2.68 -12.63
N THR B 363 3.32 2.21 -13.76
CA THR B 363 2.54 2.26 -14.98
C THR B 363 1.24 1.53 -14.67
N CYS B 364 1.36 0.31 -14.17
CA CYS B 364 0.19 -0.49 -13.86
C CYS B 364 -0.82 0.22 -12.96
N TYR B 365 -0.35 0.67 -11.80
CA TYR B 365 -1.26 1.30 -10.87
C TYR B 365 -1.72 2.72 -11.20
N CYS B 366 -0.87 3.54 -11.79
CA CYS B 366 -1.31 4.89 -12.12
C CYS B 366 -2.50 4.76 -13.04
N LEU B 367 -2.39 3.87 -14.01
CA LEU B 367 -3.47 3.64 -14.94
C LEU B 367 -4.68 3.18 -14.18
N SER B 368 -4.52 2.13 -13.39
CA SER B 368 -5.62 1.59 -12.62
C SER B 368 -6.34 2.72 -11.84
N GLY B 369 -5.55 3.55 -11.18
CA GLY B 369 -6.10 4.65 -10.41
C GLY B 369 -6.91 5.50 -11.34
N LEU B 370 -6.30 5.86 -12.46
CA LEU B 370 -6.96 6.68 -13.45
C LEU B 370 -8.33 6.13 -13.87
N SER B 371 -8.35 4.87 -14.27
CA SER B 371 -9.59 4.23 -14.69
C SER B 371 -10.61 4.42 -13.61
N ILE B 372 -10.20 4.12 -12.40
CA ILE B 372 -11.08 4.26 -11.26
C ILE B 372 -11.67 5.68 -11.21
N ALA B 373 -10.80 6.68 -11.31
CA ALA B 373 -11.24 8.07 -11.26
C ALA B 373 -12.19 8.49 -12.37
N GLN B 374 -12.14 7.80 -13.52
CA GLN B 374 -13.03 8.13 -14.62
C GLN B 374 -14.31 7.35 -14.55
N HIS B 375 -14.29 6.22 -13.87
CA HIS B 375 -15.46 5.38 -13.83
C HIS B 375 -16.21 5.19 -12.55
N PHE B 376 -17.41 5.77 -12.52
CA PHE B 376 -18.29 5.64 -11.37
C PHE B 376 -19.39 4.65 -11.76
N GLY B 377 -19.64 3.67 -10.90
CA GLY B 377 -20.66 2.68 -11.20
C GLY B 377 -21.17 2.05 -9.92
N SER B 378 -22.44 2.25 -9.63
CA SER B 378 -23.08 1.69 -8.43
C SER B 378 -24.43 1.11 -8.86
N GLY B 379 -24.40 -0.13 -9.34
CA GLY B 379 -25.61 -0.77 -9.81
C GLY B 379 -25.94 -0.19 -11.17
N ALA B 380 -27.15 0.34 -11.32
CA ALA B 380 -27.58 0.92 -12.60
C ALA B 380 -26.96 2.30 -12.88
N MET B 381 -26.68 3.05 -11.84
CA MET B 381 -26.11 4.39 -11.98
C MET B 381 -24.70 4.28 -12.54
N LEU B 382 -24.38 5.10 -13.53
CA LEU B 382 -23.03 5.12 -14.12
C LEU B 382 -22.72 6.53 -14.56
N HIS B 383 -21.59 7.06 -14.14
CA HIS B 383 -21.22 8.42 -14.53
C HIS B 383 -19.71 8.54 -14.65
N ASP B 384 -19.26 8.94 -15.83
CA ASP B 384 -17.83 9.10 -16.05
C ASP B 384 -17.39 10.54 -15.97
N VAL B 385 -16.08 10.73 -15.84
CA VAL B 385 -15.45 12.05 -15.80
C VAL B 385 -14.14 11.78 -16.52
N VAL B 386 -14.03 12.32 -17.72
CA VAL B 386 -12.84 12.12 -18.50
C VAL B 386 -12.17 13.43 -18.79
N MET B 387 -11.19 13.74 -17.95
CA MET B 387 -10.43 14.96 -18.11
C MET B 387 -9.61 14.85 -19.40
N GLY B 388 -9.22 16.00 -19.95
CA GLY B 388 -8.43 16.00 -21.17
C GLY B 388 -9.20 15.46 -22.37
N VAL B 389 -8.47 15.01 -23.38
CA VAL B 389 -9.08 14.47 -24.60
C VAL B 389 -9.86 13.17 -24.31
N PRO B 390 -11.05 13.03 -24.89
CA PRO B 390 -11.88 11.83 -24.69
C PRO B 390 -11.24 10.50 -25.04
N GLU B 391 -10.14 10.53 -25.80
CA GLU B 391 -9.42 9.30 -26.17
C GLU B 391 -8.72 8.76 -24.92
N ASN B 392 -8.65 9.60 -23.90
CA ASN B 392 -8.02 9.22 -22.63
C ASN B 392 -8.79 8.12 -21.89
N VAL B 393 -10.09 7.98 -22.13
CA VAL B 393 -10.89 6.97 -21.42
C VAL B 393 -10.30 5.56 -21.43
N LEU B 394 -10.34 4.90 -20.28
CA LEU B 394 -9.82 3.54 -20.14
C LEU B 394 -10.88 2.52 -19.91
N GLN B 395 -10.48 1.25 -19.94
CA GLN B 395 -11.40 0.17 -19.67
C GLN B 395 -11.57 0.17 -18.17
N PRO B 396 -12.77 -0.16 -17.69
CA PRO B 396 -12.99 -0.16 -16.24
C PRO B 396 -12.25 -1.30 -15.57
N THR B 397 -11.92 -1.12 -14.30
CA THR B 397 -11.22 -2.15 -13.56
C THR B 397 -11.99 -2.45 -12.28
N HIS B 398 -11.96 -3.73 -11.90
CA HIS B 398 -12.64 -4.18 -10.70
C HIS B 398 -11.89 -3.70 -9.44
N PRO B 399 -12.57 -3.02 -8.52
CA PRO B 399 -11.94 -2.51 -7.29
C PRO B 399 -11.41 -3.55 -6.29
N VAL B 400 -11.83 -4.80 -6.42
CA VAL B 400 -11.30 -5.78 -5.49
C VAL B 400 -10.06 -6.42 -6.04
N TYR B 401 -10.16 -6.98 -7.24
CA TYR B 401 -9.04 -7.69 -7.87
C TYR B 401 -8.14 -6.87 -8.78
N ASN B 402 -8.61 -5.69 -9.15
CA ASN B 402 -7.92 -4.79 -10.05
C ASN B 402 -7.63 -5.45 -11.39
N ILE B 403 -8.68 -6.04 -11.94
CA ILE B 403 -8.63 -6.63 -13.26
C ILE B 403 -9.98 -6.31 -13.86
N GLY B 404 -10.10 -6.46 -15.17
CA GLY B 404 -11.35 -6.17 -15.84
C GLY B 404 -12.50 -6.88 -15.14
N PRO B 405 -13.54 -6.14 -14.74
CA PRO B 405 -14.69 -6.73 -14.07
C PRO B 405 -15.19 -7.95 -14.84
N ASP B 406 -15.17 -7.85 -16.16
CA ASP B 406 -15.61 -8.93 -17.02
C ASP B 406 -14.78 -10.18 -16.79
N LYS B 407 -13.48 -9.98 -16.65
CA LYS B 407 -12.55 -11.07 -16.44
C LYS B 407 -12.87 -11.74 -15.11
N VAL B 408 -13.23 -10.93 -14.13
CA VAL B 408 -13.56 -11.45 -12.82
C VAL B 408 -14.71 -12.43 -12.96
N ILE B 409 -15.81 -11.91 -13.49
CA ILE B 409 -17.02 -12.69 -13.69
C ILE B 409 -16.72 -13.92 -14.51
N GLN B 410 -16.00 -13.72 -15.60
CA GLN B 410 -15.66 -14.82 -16.46
C GLN B 410 -14.97 -15.91 -15.68
N ALA B 411 -13.96 -15.48 -14.92
CA ALA B 411 -13.16 -16.37 -14.12
C ALA B 411 -13.99 -17.13 -13.10
N THR B 412 -14.60 -16.41 -12.18
CA THR B 412 -15.40 -17.03 -11.11
C THR B 412 -16.35 -18.06 -11.69
N THR B 413 -17.12 -17.62 -12.68
CA THR B 413 -18.09 -18.47 -13.35
C THR B 413 -17.45 -19.79 -13.72
N HIS B 414 -16.42 -19.72 -14.54
CA HIS B 414 -15.71 -20.91 -14.97
C HIS B 414 -15.31 -21.80 -13.81
N PHE B 415 -14.80 -21.20 -12.74
CA PHE B 415 -14.34 -21.96 -11.60
C PHE B 415 -15.43 -22.50 -10.72
N LEU B 416 -16.58 -21.84 -10.72
CA LEU B 416 -17.70 -22.30 -9.91
C LEU B 416 -18.20 -23.64 -10.46
N GLN B 417 -17.87 -23.91 -11.73
CA GLN B 417 -18.26 -25.15 -12.40
C GLN B 417 -17.46 -26.30 -11.79
N LYS B 418 -16.33 -25.95 -11.22
CA LYS B 418 -15.45 -26.92 -10.61
C LYS B 418 -15.90 -27.07 -9.17
N PRO B 419 -15.54 -28.18 -8.53
CA PRO B 419 -15.95 -28.35 -7.13
C PRO B 419 -14.81 -27.88 -6.23
N VAL B 420 -15.14 -27.33 -5.07
CA VAL B 420 -14.13 -26.88 -4.12
C VAL B 420 -13.34 -28.15 -3.83
N PRO B 421 -12.03 -28.12 -4.04
CA PRO B 421 -11.15 -29.27 -3.81
C PRO B 421 -11.54 -30.11 -2.59
N GLY B 422 -11.72 -31.41 -2.83
CA GLY B 422 -12.09 -32.33 -1.77
C GLY B 422 -13.59 -32.53 -1.64
N PHE B 423 -14.34 -31.53 -2.10
CA PHE B 423 -15.80 -31.44 -2.08
C PHE B 423 -16.33 -30.61 -0.91
N THR C 6 16.37 -0.80 -10.41
CA THR C 6 15.00 -0.64 -9.85
C THR C 6 14.59 -1.91 -9.13
N LYS C 7 13.78 -1.76 -8.10
CA LYS C 7 13.31 -2.88 -7.28
C LYS C 7 11.79 -2.93 -7.23
N CYS C 8 11.26 -3.96 -6.58
CA CYS C 8 9.80 -4.09 -6.43
C CYS C 8 9.44 -3.87 -4.97
N VAL C 9 8.98 -2.67 -4.63
CA VAL C 9 8.66 -2.33 -3.25
C VAL C 9 7.49 -3.04 -2.57
N ILE C 10 6.85 -4.00 -3.22
CA ILE C 10 5.73 -4.63 -2.54
C ILE C 10 5.92 -6.08 -2.09
N MET C 11 7.12 -6.60 -2.23
CA MET C 11 7.42 -7.97 -1.82
C MET C 11 8.90 -8.22 -1.74
C ACT D . 13.95 -2.44 -19.33
O ACT D . 14.91 -1.86 -18.64
OXT ACT D . 14.04 -3.49 -20.10
CH3 ACT D . 12.59 -1.73 -19.18
C1 FII E . 1.22 -6.98 -2.48
C2 FII E . -0.09 -6.20 -2.45
C6 FII E . -1.23 -6.94 -3.10
C10 FII E . -0.24 -4.97 -1.90
C11 FII E . 0.84 -4.15 -1.22
C12 FII E . 0.76 -2.71 -1.66
C15 FII E . 1.70 -1.80 -0.94
C18 FII E . 1.68 -0.40 -1.53
C22 FII E . 2.51 -2.16 0.12
C23 FII E . 3.46 -1.18 0.82
C24 FII E . 4.48 -1.86 1.72
C27 FII E . 5.35 -0.84 2.44
C30 FII E . 4.58 0.11 3.32
C34 FII E . 6.68 -0.80 2.31
C35 FII E . 7.58 0.20 3.03
O36 FII E . 8.22 1.03 2.09
N42 FII E . 7.26 1.83 1.45
C43 FII E . 7.35 3.15 1.55
O44 FII E . 8.02 3.75 2.40
C45 FII E . 6.60 3.89 0.45
P46 FII E . 5.84 5.39 1.12
O49 FII E . 4.94 5.93 0.12
O50 FII E . 6.88 6.38 1.43
O51 FII E . 5.11 5.03 2.33
#